data_2GIE
#
_entry.id   2GIE
#
_cell.length_a   67.243
_cell.length_b   175.472
_cell.length_c   253.896
_cell.angle_alpha   90.00
_cell.angle_beta   90.00
_cell.angle_gamma   90.00
#
_symmetry.space_group_name_H-M   'I 21 21 21'
#
loop_
_entity.id
_entity.type
_entity.pdbx_description
1 polymer "5'-D(*GP*CP*CP*GP*GP*TP*TP*AP*AP*CP*CP*GP*G)-3'"
2 polymer 'Type II restriction enzyme HincII'
3 non-polymer 'SODIUM ION'
4 water water
#
loop_
_entity_poly.entity_id
_entity_poly.type
_entity_poly.pdbx_seq_one_letter_code
_entity_poly.pdbx_strand_id
1 'polydeoxyribonucleotide' (DG)(DC)(DC)(DG)(DG)(DT)(DT)(DA)(DA)(DC)(DC)(DG)(DG) E,F,G,H
2 'polypeptide(L)'
;SFIKPIYQDINSILIGQKVKRPKSGTLSGHAAGEPFEKLVYKFLKENLSDLTFKQYEYLNDLFMKNPAIIGHEARYKLFN
SPTLLFLLSRGKAATENWSIENLFEEKQNDTADILLVKDQFYELLDVKTRNISKSAQAPNIISAYKLAQTCAKMIDNKEF
DLFDINYLEVDWELNGEDLVCVSTSFAELFKSEPSELYINWAAAMQIQFHVRDLDQGFNGTREEWAKSYLKHFVTQAEQR
AISMIDKFVKPFKKYIL
;
A,B,C,D
#
loop_
_chem_comp.id
_chem_comp.type
_chem_comp.name
_chem_comp.formula
DA DNA linking 2'-DEOXYADENOSINE-5'-MONOPHOSPHATE 'C10 H14 N5 O6 P'
DC DNA linking 2'-DEOXYCYTIDINE-5'-MONOPHOSPHATE 'C9 H14 N3 O7 P'
DG DNA linking 2'-DEOXYGUANOSINE-5'-MONOPHOSPHATE 'C10 H14 N5 O7 P'
DT DNA linking THYMIDINE-5'-MONOPHOSPHATE 'C10 H15 N2 O8 P'
NA non-polymer 'SODIUM ION' 'Na 1'
#
# COMPACT_ATOMS: atom_id res chain seq x y z
N SER E 1 -18.95 29.72 -11.25
CA SER E 1 -19.85 28.56 -10.97
C SER E 1 -21.30 28.99 -10.73
N PHE E 2 -22.14 28.74 -11.72
CA PHE E 2 -23.54 29.08 -11.60
C PHE E 2 -24.24 28.05 -10.71
N ILE E 3 -23.47 27.08 -10.22
CA ILE E 3 -24.04 26.02 -9.39
C ILE E 3 -23.77 26.19 -7.89
N LYS E 4 -22.56 26.59 -7.53
CA LYS E 4 -22.17 26.79 -6.14
C LYS E 4 -23.20 27.58 -5.30
N PRO E 5 -23.86 28.59 -5.92
CA PRO E 5 -24.86 29.40 -5.21
C PRO E 5 -26.03 28.59 -4.66
N ILE E 6 -26.59 27.71 -5.47
CA ILE E 6 -27.72 26.89 -5.05
C ILE E 6 -27.33 25.45 -4.76
N TYR E 7 -26.10 25.27 -4.25
CA TYR E 7 -25.57 23.96 -3.93
C TYR E 7 -26.34 23.23 -2.82
N GLN E 8 -26.58 23.91 -1.71
CA GLN E 8 -27.30 23.33 -0.58
C GLN E 8 -28.69 22.83 -1.01
N ASP E 9 -29.30 23.53 -1.96
CA ASP E 9 -30.61 23.16 -2.47
C ASP E 9 -30.52 21.82 -3.17
N ILE E 10 -29.42 21.65 -3.90
CA ILE E 10 -29.13 20.44 -4.64
C ILE E 10 -28.91 19.32 -3.65
N ASN E 11 -28.01 19.56 -2.71
CA ASN E 11 -27.68 18.57 -1.71
C ASN E 11 -28.91 18.15 -0.88
N SER E 12 -29.86 19.06 -0.71
CA SER E 12 -31.06 18.76 0.08
C SER E 12 -32.15 18.00 -0.67
N ILE E 13 -32.14 18.07 -2.00
CA ILE E 13 -33.15 17.38 -2.79
C ILE E 13 -32.67 15.97 -3.15
N LEU E 14 -31.35 15.78 -3.06
CA LEU E 14 -30.70 14.53 -3.39
C LEU E 14 -30.55 13.55 -2.23
N ILE E 15 -30.13 14.03 -1.08
CA ILE E 15 -29.96 13.14 0.05
C ILE E 15 -31.32 12.62 0.50
N GLY E 16 -31.38 11.30 0.68
CA GLY E 16 -32.60 10.67 1.10
C GLY E 16 -33.37 10.08 -0.06
N GLN E 17 -33.30 10.74 -1.21
CA GLN E 17 -34.01 10.27 -2.40
C GLN E 17 -33.61 8.88 -2.86
N LYS E 18 -34.59 7.99 -2.90
CA LYS E 18 -34.35 6.62 -3.33
C LYS E 18 -34.80 6.47 -4.79
N VAL E 19 -34.02 5.77 -5.59
CA VAL E 19 -34.37 5.52 -6.98
C VAL E 19 -34.15 4.02 -7.19
N LYS E 20 -35.16 3.33 -7.71
CA LYS E 20 -35.06 1.90 -7.95
C LYS E 20 -33.82 1.61 -8.80
N ARG E 21 -33.14 0.51 -8.51
CA ARG E 21 -31.92 0.12 -9.23
C ARG E 21 -32.15 -0.34 -10.67
N PRO E 22 -31.08 -0.29 -11.50
CA PRO E 22 -31.17 -0.71 -12.90
C PRO E 22 -31.53 -2.20 -12.97
N LYS E 23 -32.47 -2.53 -13.85
CA LYS E 23 -32.94 -3.91 -14.00
C LYS E 23 -31.89 -4.93 -14.43
N SER E 24 -30.62 -4.62 -14.22
CA SER E 24 -29.53 -5.51 -14.59
C SER E 24 -28.92 -6.19 -13.36
N GLY E 25 -28.46 -5.38 -12.41
CA GLY E 25 -27.86 -5.91 -11.20
C GLY E 25 -26.36 -5.66 -11.10
N THR E 26 -25.77 -5.15 -12.17
CA THR E 26 -24.33 -4.87 -12.22
C THR E 26 -23.94 -3.76 -11.24
N LEU E 27 -24.28 -2.52 -11.62
CA LEU E 27 -23.98 -1.32 -10.85
C LEU E 27 -22.50 -0.95 -10.96
N SER E 28 -21.90 -1.33 -12.08
CA SER E 28 -20.50 -1.01 -12.34
C SER E 28 -20.52 0.11 -13.37
N GLY E 29 -19.48 0.92 -13.39
CA GLY E 29 -19.38 2.01 -14.35
C GLY E 29 -20.66 2.74 -14.74
N HIS E 30 -20.85 2.92 -16.04
CA HIS E 30 -22.02 3.62 -16.58
C HIS E 30 -23.33 3.11 -16.02
N ALA E 31 -23.41 1.80 -15.79
CA ALA E 31 -24.62 1.17 -15.27
C ALA E 31 -24.72 1.26 -13.75
N ALA E 32 -24.45 2.44 -13.19
CA ALA E 32 -24.52 2.61 -11.75
C ALA E 32 -25.31 3.85 -11.42
N GLY E 33 -24.71 4.75 -10.63
CA GLY E 33 -25.38 5.98 -10.24
C GLY E 33 -26.04 6.78 -11.35
N GLU E 34 -25.70 6.47 -12.61
CA GLU E 34 -26.26 7.16 -13.77
C GLU E 34 -27.58 7.93 -13.57
N PRO E 35 -28.58 7.29 -12.92
CA PRO E 35 -29.85 7.98 -12.70
C PRO E 35 -29.74 9.19 -11.78
N PHE E 36 -28.67 9.28 -11.01
CA PHE E 36 -28.49 10.43 -10.13
C PHE E 36 -28.18 11.65 -10.97
N GLU E 37 -27.39 11.44 -12.02
CA GLU E 37 -27.03 12.51 -12.94
C GLU E 37 -28.33 13.08 -13.51
N LYS E 38 -29.21 12.17 -13.91
CA LYS E 38 -30.51 12.56 -14.45
C LYS E 38 -31.24 13.45 -13.45
N LEU E 39 -31.20 13.08 -12.18
CA LEU E 39 -31.89 13.85 -11.15
C LEU E 39 -31.31 15.26 -11.03
N VAL E 40 -29.98 15.34 -10.96
CA VAL E 40 -29.31 16.62 -10.83
C VAL E 40 -29.74 17.54 -11.98
N TYR E 41 -29.56 17.04 -13.20
CA TYR E 41 -29.92 17.78 -14.40
C TYR E 41 -31.37 18.25 -14.37
N LYS E 42 -32.27 17.36 -13.98
CA LYS E 42 -33.69 17.71 -13.93
C LYS E 42 -33.95 18.88 -12.97
N PHE E 43 -33.28 18.87 -11.83
CA PHE E 43 -33.44 19.94 -10.85
C PHE E 43 -33.02 21.25 -11.47
N LEU E 44 -31.77 21.27 -11.96
CA LEU E 44 -31.19 22.43 -12.61
C LEU E 44 -32.06 22.93 -13.76
N LYS E 45 -32.53 22.00 -14.59
CA LYS E 45 -33.35 22.38 -15.72
C LYS E 45 -34.64 23.10 -15.27
N GLU E 46 -34.93 23.03 -13.98
CA GLU E 46 -36.12 23.68 -13.43
C GLU E 46 -35.81 24.83 -12.47
N ASN E 47 -34.55 24.99 -12.09
CA ASN E 47 -34.19 26.06 -11.19
C ASN E 47 -33.10 26.97 -11.73
N LEU E 48 -32.73 26.73 -12.98
CA LEU E 48 -31.74 27.51 -13.71
C LEU E 48 -32.09 27.17 -15.15
N SER E 49 -33.38 26.97 -15.35
CA SER E 49 -33.97 26.60 -16.64
C SER E 49 -33.31 27.13 -17.91
N ASP E 50 -32.83 28.38 -17.88
CA ASP E 50 -32.20 28.97 -19.07
C ASP E 50 -30.68 28.85 -19.15
N LEU E 51 -30.05 28.40 -18.07
CA LEU E 51 -28.59 28.23 -18.05
C LEU E 51 -28.23 26.75 -18.22
N THR E 52 -29.22 25.88 -18.05
CA THR E 52 -29.03 24.43 -18.10
C THR E 52 -29.22 23.70 -19.42
N PHE E 53 -28.13 23.08 -19.88
CA PHE E 53 -28.17 22.33 -21.13
C PHE E 53 -27.42 21.01 -21.04
N LYS E 54 -27.85 20.06 -21.86
CA LYS E 54 -27.12 18.80 -21.92
C LYS E 54 -26.15 19.15 -23.04
N GLN E 55 -24.92 18.67 -22.99
CA GLN E 55 -23.96 18.98 -24.04
C GLN E 55 -24.53 18.80 -25.45
N TYR E 56 -25.06 17.62 -25.77
CA TYR E 56 -25.61 17.44 -27.11
C TYR E 56 -26.77 18.42 -27.29
N GLU E 57 -27.50 18.65 -26.21
CA GLU E 57 -28.64 19.56 -26.23
C GLU E 57 -28.18 20.98 -26.57
N TYR E 58 -27.05 21.40 -26.03
CA TYR E 58 -26.55 22.74 -26.31
C TYR E 58 -26.20 22.85 -27.78
N LEU E 59 -25.54 21.82 -28.31
CA LEU E 59 -25.16 21.80 -29.70
C LEU E 59 -26.38 21.84 -30.61
N ASN E 60 -27.45 21.14 -30.26
CA ASN E 60 -28.64 21.12 -31.10
C ASN E 60 -29.28 22.51 -31.10
N ASP E 61 -29.17 23.21 -29.98
CA ASP E 61 -29.72 24.56 -29.89
C ASP E 61 -28.84 25.51 -30.71
N LEU E 62 -27.53 25.40 -30.54
CA LEU E 62 -26.60 26.24 -31.26
C LEU E 62 -26.86 26.19 -32.77
N PHE E 63 -26.96 24.99 -33.33
CA PHE E 63 -27.17 24.88 -34.77
C PHE E 63 -28.60 25.23 -35.16
N MET E 64 -29.58 24.92 -34.31
CA MET E 64 -30.96 25.26 -34.63
C MET E 64 -31.16 26.77 -34.69
N LYS E 65 -30.46 27.50 -33.82
CA LYS E 65 -30.54 28.97 -33.78
C LYS E 65 -29.76 29.60 -34.92
N ASN E 66 -29.24 28.76 -35.82
CA ASN E 66 -28.48 29.26 -36.95
C ASN E 66 -28.70 28.38 -38.17
N PRO E 67 -29.97 28.15 -38.54
CA PRO E 67 -30.36 27.32 -39.69
C PRO E 67 -29.84 27.80 -41.03
N ALA E 68 -29.49 29.07 -41.10
CA ALA E 68 -28.98 29.66 -42.32
C ALA E 68 -27.60 29.13 -42.68
N ILE E 69 -26.87 28.64 -41.69
CA ILE E 69 -25.52 28.15 -42.00
C ILE E 69 -25.37 26.63 -41.95
N ILE E 70 -24.89 26.09 -43.07
CA ILE E 70 -24.66 24.67 -43.23
C ILE E 70 -23.17 24.40 -43.45
N GLY E 71 -22.81 23.13 -43.60
CA GLY E 71 -21.41 22.78 -43.78
C GLY E 71 -20.72 22.73 -42.43
N HIS E 72 -19.56 22.10 -42.35
CA HIS E 72 -18.88 22.01 -41.08
C HIS E 72 -18.09 23.25 -40.69
N GLU E 73 -17.40 23.86 -41.65
CA GLU E 73 -16.63 25.05 -41.32
C GLU E 73 -17.47 26.22 -40.78
N ALA E 74 -18.64 26.44 -41.37
CA ALA E 74 -19.52 27.52 -40.94
C ALA E 74 -20.10 27.20 -39.56
N ARG E 75 -20.29 25.92 -39.30
CA ARG E 75 -20.82 25.49 -38.02
C ARG E 75 -19.74 25.57 -36.95
N TYR E 76 -18.49 25.30 -37.33
CA TYR E 76 -17.43 25.40 -36.36
C TYR E 76 -17.17 26.86 -35.97
N LYS E 77 -17.66 27.80 -36.78
CA LYS E 77 -17.46 29.21 -36.48
C LYS E 77 -18.47 29.66 -35.43
N LEU E 78 -19.55 28.88 -35.30
CA LEU E 78 -20.61 29.17 -34.36
C LEU E 78 -20.14 29.07 -32.91
N PHE E 79 -18.90 28.63 -32.72
CA PHE E 79 -18.34 28.51 -31.38
C PHE E 79 -17.60 29.77 -30.96
N ASN E 80 -17.15 30.55 -31.94
CA ASN E 80 -16.43 31.80 -31.69
C ASN E 80 -15.29 31.61 -30.70
N SER E 81 -14.79 30.38 -30.63
CA SER E 81 -13.70 30.04 -29.73
C SER E 81 -13.11 28.64 -30.01
N PRO E 82 -11.79 28.55 -30.13
CA PRO E 82 -11.15 27.25 -30.40
C PRO E 82 -11.30 26.25 -29.26
N THR E 83 -10.93 26.69 -28.05
CA THR E 83 -11.00 25.85 -26.86
C THR E 83 -12.40 25.27 -26.71
N LEU E 84 -13.39 26.14 -26.84
CA LEU E 84 -14.78 25.70 -26.69
C LEU E 84 -15.14 24.64 -27.73
N LEU E 85 -14.61 24.79 -28.93
CA LEU E 85 -14.86 23.83 -30.00
C LEU E 85 -14.16 22.51 -29.62
N PHE E 86 -12.93 22.63 -29.14
CA PHE E 86 -12.20 21.44 -28.75
C PHE E 86 -12.98 20.67 -27.69
N LEU E 87 -13.37 21.39 -26.65
CA LEU E 87 -14.09 20.78 -25.54
C LEU E 87 -15.51 20.29 -25.80
N LEU E 88 -16.24 20.94 -26.68
CA LEU E 88 -17.64 20.57 -26.91
C LEU E 88 -18.11 20.08 -28.28
N SER E 89 -17.34 20.33 -29.33
CA SER E 89 -17.83 19.95 -30.66
C SER E 89 -17.74 18.50 -31.08
N ARG E 90 -18.64 18.13 -32.00
CA ARG E 90 -18.70 16.80 -32.56
C ARG E 90 -17.75 16.73 -33.75
N GLY E 91 -17.49 15.52 -34.25
CA GLY E 91 -16.58 15.36 -35.36
C GLY E 91 -16.94 16.08 -36.65
N LYS E 92 -15.99 16.12 -37.59
CA LYS E 92 -16.20 16.77 -38.88
C LYS E 92 -17.39 16.17 -39.60
N ALA E 93 -17.39 14.85 -39.77
CA ALA E 93 -18.47 14.14 -40.44
C ALA E 93 -19.84 14.39 -39.81
N ALA E 94 -19.88 14.28 -38.48
CA ALA E 94 -21.10 14.45 -37.73
C ALA E 94 -21.59 15.89 -37.78
N THR E 95 -20.68 16.83 -37.57
CA THR E 95 -21.01 18.25 -37.61
C THR E 95 -21.65 18.64 -38.92
N GLU E 96 -21.15 18.06 -40.00
CA GLU E 96 -21.64 18.31 -41.35
C GLU E 96 -22.96 17.60 -41.64
N ASN E 97 -23.16 16.46 -40.98
CA ASN E 97 -24.37 15.67 -41.20
C ASN E 97 -25.54 16.11 -40.34
N TRP E 98 -25.31 17.02 -39.41
CA TRP E 98 -26.37 17.50 -38.54
C TRP E 98 -27.50 18.19 -39.28
N SER E 99 -28.73 17.98 -38.80
CA SER E 99 -29.91 18.60 -39.38
C SER E 99 -31.05 18.57 -38.38
N ILE E 100 -32.13 19.30 -38.66
CA ILE E 100 -33.29 19.35 -37.79
C ILE E 100 -33.94 17.97 -37.78
N GLU E 101 -33.55 17.13 -38.73
CA GLU E 101 -34.11 15.78 -38.84
C GLU E 101 -33.08 14.77 -38.33
N ASN E 102 -31.83 15.22 -38.18
CA ASN E 102 -30.77 14.36 -37.71
C ASN E 102 -30.00 15.05 -36.58
N LEU E 103 -30.67 15.19 -35.43
CA LEU E 103 -30.10 15.85 -34.27
C LEU E 103 -29.02 15.07 -33.51
N PHE E 104 -28.16 15.81 -32.81
CA PHE E 104 -27.11 15.19 -32.02
C PHE E 104 -27.71 14.46 -30.82
N GLU E 105 -27.06 13.40 -30.41
CA GLU E 105 -27.51 12.63 -29.26
C GLU E 105 -26.37 12.51 -28.27
N GLU E 106 -26.63 11.82 -27.16
CA GLU E 106 -25.62 11.65 -26.15
C GLU E 106 -24.47 10.90 -26.83
N LYS E 107 -23.25 11.15 -26.36
CA LYS E 107 -22.08 10.47 -26.90
C LYS E 107 -21.15 10.11 -25.76
N GLN E 108 -20.81 8.83 -25.68
CA GLN E 108 -19.94 8.32 -24.63
C GLN E 108 -18.74 9.20 -24.38
N ASN E 109 -18.27 9.87 -25.43
CA ASN E 109 -17.11 10.76 -25.38
C ASN E 109 -17.28 12.15 -24.77
N ASP E 110 -18.52 12.66 -24.81
CA ASP E 110 -18.80 14.01 -24.33
C ASP E 110 -18.09 14.39 -23.02
N THR E 111 -17.26 15.43 -23.13
CA THR E 111 -16.50 15.98 -22.02
C THR E 111 -17.33 16.26 -20.79
N ALA E 112 -18.50 16.86 -20.97
CA ALA E 112 -19.35 17.20 -19.82
C ALA E 112 -20.66 16.45 -19.74
N ASP E 113 -21.30 16.52 -18.58
CA ASP E 113 -22.58 15.89 -18.35
C ASP E 113 -23.66 16.95 -18.53
N ILE E 114 -23.47 18.10 -17.91
CA ILE E 114 -24.45 19.16 -18.08
C ILE E 114 -23.67 20.44 -18.34
N LEU E 115 -24.30 21.35 -19.07
CA LEU E 115 -23.69 22.62 -19.39
C LEU E 115 -24.49 23.77 -18.84
N LEU E 116 -23.80 24.69 -18.19
CA LEU E 116 -24.43 25.88 -17.63
C LEU E 116 -23.76 27.09 -18.31
N VAL E 117 -24.54 27.87 -19.04
CA VAL E 117 -24.01 29.04 -19.75
C VAL E 117 -24.83 30.31 -19.50
N LYS E 118 -24.12 31.42 -19.28
CA LYS E 118 -24.74 32.73 -19.01
C LYS E 118 -23.70 33.84 -19.11
N ASP E 119 -23.89 34.75 -20.06
CA ASP E 119 -22.94 35.85 -20.28
C ASP E 119 -21.67 35.37 -20.99
N GLN E 120 -21.85 34.50 -21.98
CA GLN E 120 -20.73 33.97 -22.74
C GLN E 120 -19.77 33.20 -21.82
N PHE E 121 -20.26 32.79 -20.65
CA PHE E 121 -19.43 32.01 -19.74
C PHE E 121 -19.96 30.59 -19.60
N TYR E 122 -19.07 29.61 -19.63
CA TYR E 122 -19.48 28.21 -19.53
C TYR E 122 -18.96 27.43 -18.34
N GLU E 123 -19.87 26.71 -17.68
CA GLU E 123 -19.51 25.84 -16.57
C GLU E 123 -19.71 24.38 -17.02
N LEU E 124 -18.59 23.67 -17.19
CA LEU E 124 -18.62 22.25 -17.58
C LEU E 124 -18.82 21.41 -16.32
N LEU E 125 -20.03 20.91 -16.10
CA LEU E 125 -20.31 20.10 -14.94
C LEU E 125 -20.32 18.60 -15.23
N ASP E 126 -19.42 17.90 -14.54
CA ASP E 126 -19.29 16.45 -14.65
C ASP E 126 -19.71 15.89 -13.30
N VAL E 127 -20.83 15.18 -13.26
CA VAL E 127 -21.30 14.60 -11.99
C VAL E 127 -20.77 13.17 -11.80
N LYS E 128 -20.02 12.95 -10.72
CA LYS E 128 -19.45 11.63 -10.43
C LYS E 128 -20.30 10.88 -9.40
N THR E 129 -20.45 9.57 -9.58
CA THR E 129 -21.23 8.80 -8.62
C THR E 129 -20.30 7.86 -7.89
N ARG E 130 -20.53 7.69 -6.59
CA ARG E 130 -19.69 6.84 -5.76
C ARG E 130 -20.49 5.93 -4.81
N ASN E 131 -20.21 4.63 -4.90
CA ASN E 131 -20.84 3.62 -4.06
C ASN E 131 -20.05 3.54 -2.74
N ILE E 132 -20.51 4.26 -1.71
CA ILE E 132 -19.79 4.27 -0.44
C ILE E 132 -19.90 3.02 0.44
N SER E 133 -20.32 1.91 -0.15
CA SER E 133 -20.43 0.63 0.56
C SER E 133 -19.14 -0.10 0.24
N LYS E 134 -18.19 0.66 -0.28
CA LYS E 134 -16.87 0.15 -0.65
C LYS E 134 -15.95 1.33 -0.41
N SER E 135 -14.65 1.06 -0.40
CA SER E 135 -13.68 2.12 -0.21
C SER E 135 -12.74 2.08 -1.38
N ALA E 136 -13.33 2.08 -2.58
CA ALA E 136 -12.58 2.02 -3.83
C ALA E 136 -11.63 3.16 -4.14
N GLN E 137 -10.91 2.93 -5.23
CA GLN E 137 -9.94 3.85 -5.77
C GLN E 137 -10.64 5.12 -6.29
N ALA E 138 -9.89 6.19 -6.47
CA ALA E 138 -10.43 7.43 -6.98
C ALA E 138 -10.82 7.15 -8.42
N PRO E 139 -12.02 7.58 -8.85
CA PRO E 139 -12.50 7.35 -10.22
C PRO E 139 -11.77 8.22 -11.25
N ASN E 140 -12.00 7.94 -12.53
CA ASN E 140 -11.38 8.75 -13.57
C ASN E 140 -12.10 10.09 -13.49
N ILE E 141 -11.36 11.17 -13.62
CA ILE E 141 -12.03 12.46 -13.59
C ILE E 141 -12.11 13.01 -15.01
N ILE E 142 -10.94 13.37 -15.52
CA ILE E 142 -10.82 13.93 -16.83
C ILE E 142 -9.52 13.39 -17.43
N SER E 143 -9.44 13.38 -18.75
CA SER E 143 -8.23 12.90 -19.42
C SER E 143 -7.11 13.94 -19.25
N ALA E 144 -5.98 13.51 -18.71
CA ALA E 144 -4.84 14.40 -18.54
C ALA E 144 -4.43 14.98 -19.90
N TYR E 145 -4.42 14.14 -20.91
CA TYR E 145 -4.06 14.56 -22.24
C TYR E 145 -5.04 15.60 -22.77
N LYS E 146 -6.33 15.38 -22.52
CA LYS E 146 -7.36 16.30 -22.98
C LYS E 146 -7.20 17.65 -22.28
N LEU E 147 -6.94 17.60 -20.97
CA LEU E 147 -6.75 18.81 -20.17
C LEU E 147 -5.50 19.51 -20.67
N ALA E 148 -4.46 18.74 -20.94
CA ALA E 148 -3.20 19.31 -21.41
C ALA E 148 -3.44 20.09 -22.69
N GLN E 149 -4.17 19.48 -23.62
CA GLN E 149 -4.49 20.14 -24.88
C GLN E 149 -5.40 21.33 -24.67
N THR E 150 -6.27 21.23 -23.68
CA THR E 150 -7.21 22.30 -23.39
C THR E 150 -6.47 23.51 -22.86
N CYS E 151 -5.44 23.25 -22.07
CA CYS E 151 -4.64 24.34 -21.51
C CYS E 151 -3.83 25.01 -22.60
N ALA E 152 -3.20 24.20 -23.45
CA ALA E 152 -2.39 24.72 -24.54
C ALA E 152 -3.23 25.64 -25.42
N LYS E 153 -4.50 25.29 -25.63
CA LYS E 153 -5.37 26.10 -26.46
C LYS E 153 -5.96 27.30 -25.71
N MET E 154 -5.67 27.39 -24.42
CA MET E 154 -6.17 28.53 -23.66
C MET E 154 -5.09 29.59 -23.81
N ILE E 155 -3.85 29.12 -23.77
CA ILE E 155 -2.68 29.97 -23.91
C ILE E 155 -2.61 30.53 -25.32
N ASP E 156 -2.68 29.68 -26.33
CA ASP E 156 -2.61 30.13 -27.73
C ASP E 156 -3.62 31.23 -28.10
N ASN E 157 -4.88 31.01 -27.77
CA ASN E 157 -5.93 31.95 -28.09
C ASN E 157 -6.13 33.00 -27.00
N LYS E 158 -5.45 32.79 -25.88
CA LYS E 158 -5.53 33.67 -24.72
C LYS E 158 -6.95 33.78 -24.19
N GLU E 159 -7.59 32.63 -24.00
CA GLU E 159 -8.96 32.58 -23.48
C GLU E 159 -8.82 32.06 -22.04
N PHE E 160 -8.81 32.98 -21.08
CA PHE E 160 -8.65 32.63 -19.67
C PHE E 160 -9.86 32.83 -18.79
N ASP E 161 -10.89 33.51 -19.28
CA ASP E 161 -12.09 33.69 -18.47
C ASP E 161 -13.26 33.32 -19.38
N LEU E 162 -13.40 32.03 -19.63
CA LEU E 162 -14.45 31.56 -20.52
C LEU E 162 -15.20 30.35 -19.98
N PHE E 163 -14.51 29.51 -19.22
CA PHE E 163 -15.15 28.30 -18.72
C PHE E 163 -14.54 27.69 -17.47
N ASP E 164 -15.38 27.06 -16.66
CA ASP E 164 -14.92 26.35 -15.47
C ASP E 164 -15.28 24.87 -15.59
N ILE E 165 -14.39 24.00 -15.09
CA ILE E 165 -14.63 22.56 -15.12
C ILE E 165 -14.90 22.16 -13.69
N ASN E 166 -16.18 21.98 -13.34
CA ASN E 166 -16.55 21.63 -11.97
C ASN E 166 -17.09 20.21 -11.77
N TYR E 167 -16.89 19.68 -10.56
CA TYR E 167 -17.35 18.33 -10.23
C TYR E 167 -18.30 18.25 -9.05
N LEU E 168 -19.29 17.37 -9.17
CA LEU E 168 -20.30 17.10 -8.15
C LEU E 168 -20.22 15.60 -7.90
N GLU E 169 -19.91 15.22 -6.66
CA GLU E 169 -19.82 13.82 -6.25
C GLU E 169 -21.13 13.46 -5.58
N VAL E 170 -21.72 12.33 -5.96
CA VAL E 170 -22.99 11.88 -5.36
C VAL E 170 -22.70 10.51 -4.77
N ASP E 171 -22.72 10.43 -3.44
CA ASP E 171 -22.45 9.19 -2.73
C ASP E 171 -23.75 8.43 -2.54
N TRP E 172 -23.71 7.12 -2.77
CA TRP E 172 -24.92 6.33 -2.60
C TRP E 172 -24.63 4.96 -2.06
N GLU E 173 -25.69 4.26 -1.70
CA GLU E 173 -25.58 2.90 -1.19
C GLU E 173 -26.87 2.21 -1.53
N LEU E 174 -26.80 0.90 -1.75
CA LEU E 174 -27.97 0.09 -2.08
C LEU E 174 -28.74 -0.03 -0.78
N ASN E 175 -30.07 -0.05 -0.87
CA ASN E 175 -30.95 -0.16 0.29
C ASN E 175 -32.22 -0.83 -0.23
N GLY E 176 -32.35 -2.13 0.03
CA GLY E 176 -33.52 -2.84 -0.46
C GLY E 176 -33.40 -3.02 -1.96
N GLU E 177 -34.37 -2.50 -2.70
CA GLU E 177 -34.36 -2.60 -4.16
C GLU E 177 -33.98 -1.24 -4.75
N ASP E 178 -33.69 -0.29 -3.87
CA ASP E 178 -33.37 1.06 -4.31
C ASP E 178 -31.95 1.55 -4.05
N LEU E 179 -31.57 2.54 -4.83
CA LEU E 179 -30.29 3.21 -4.66
C LEU E 179 -30.74 4.48 -3.94
N VAL E 180 -30.00 4.88 -2.92
CA VAL E 180 -30.38 6.07 -2.18
C VAL E 180 -29.12 6.91 -1.97
N CYS E 181 -29.22 8.20 -2.19
CA CYS E 181 -28.09 9.09 -2.03
C CYS E 181 -27.82 9.42 -0.55
N VAL E 182 -26.58 9.32 -0.13
CA VAL E 182 -26.26 9.59 1.26
C VAL E 182 -25.52 10.90 1.49
N SER E 183 -24.97 11.48 0.44
CA SER E 183 -24.24 12.75 0.57
C SER E 183 -23.66 13.20 -0.76
N THR E 184 -23.25 14.46 -0.82
CA THR E 184 -22.67 15.05 -2.03
C THR E 184 -21.44 15.90 -1.72
N SER E 185 -20.70 16.23 -2.77
CA SER E 185 -19.51 17.07 -2.64
C SER E 185 -19.37 17.87 -3.92
N PHE E 186 -18.80 19.06 -3.82
CA PHE E 186 -18.62 19.89 -4.99
C PHE E 186 -17.16 20.33 -5.03
N ALA E 187 -16.64 20.60 -6.22
CA ALA E 187 -15.25 21.05 -6.34
C ALA E 187 -14.96 21.68 -7.70
N GLU E 188 -14.12 22.70 -7.71
CA GLU E 188 -13.76 23.38 -8.95
C GLU E 188 -12.36 22.96 -9.37
N LEU E 189 -12.26 22.29 -10.50
CA LEU E 189 -10.97 21.81 -11.00
C LEU E 189 -9.86 22.87 -11.04
N PHE E 190 -10.20 24.07 -11.50
CA PHE E 190 -9.23 25.15 -11.60
C PHE E 190 -9.02 25.86 -10.27
N LYS E 191 -9.52 25.25 -9.21
CA LYS E 191 -9.37 25.82 -7.88
C LYS E 191 -8.47 24.91 -7.07
N SER E 192 -7.93 23.89 -7.72
CA SER E 192 -7.03 22.95 -7.06
C SER E 192 -5.61 23.13 -7.59
N GLU E 193 -4.63 22.65 -6.84
CA GLU E 193 -3.24 22.75 -7.23
C GLU E 193 -2.98 21.76 -8.35
N PRO E 194 -2.68 22.25 -9.56
CA PRO E 194 -2.41 21.40 -10.70
C PRO E 194 -1.20 20.50 -10.54
N SER E 195 -0.15 21.04 -9.94
CA SER E 195 1.06 20.25 -9.73
C SER E 195 0.81 19.02 -8.86
N GLU E 196 -0.37 18.95 -8.26
CA GLU E 196 -0.71 17.83 -7.38
C GLU E 196 -1.74 16.86 -7.95
N LEU E 197 -2.24 17.14 -9.16
CA LEU E 197 -3.21 16.26 -9.79
C LEU E 197 -2.52 14.94 -10.12
N TYR E 198 -3.11 13.82 -9.73
CA TYR E 198 -2.53 12.52 -10.01
C TYR E 198 -3.03 12.00 -11.35
N ILE E 199 -2.10 11.75 -12.27
CA ILE E 199 -2.47 11.23 -13.57
C ILE E 199 -2.23 9.70 -13.60
N ASN E 200 -3.29 8.94 -13.87
CA ASN E 200 -3.18 7.50 -13.95
C ASN E 200 -3.04 7.12 -15.43
N TRP E 201 -1.81 6.93 -15.85
CA TRP E 201 -1.55 6.61 -17.26
C TRP E 201 -2.30 5.43 -17.82
N ALA E 202 -2.24 4.28 -17.15
CA ALA E 202 -2.93 3.11 -17.64
C ALA E 202 -4.45 3.36 -17.71
N ALA E 203 -4.98 4.06 -16.72
CA ALA E 203 -6.41 4.34 -16.71
C ALA E 203 -6.75 5.43 -17.71
N ALA E 204 -6.54 5.17 -19.00
CA ALA E 204 -6.82 6.14 -20.04
C ALA E 204 -6.20 7.51 -19.79
N MET E 205 -4.95 7.53 -19.36
CA MET E 205 -4.25 8.79 -19.10
C MET E 205 -5.17 9.76 -18.35
N GLN E 206 -5.95 9.22 -17.41
CA GLN E 206 -6.87 10.05 -16.67
C GLN E 206 -6.34 10.50 -15.31
N ILE E 207 -6.66 11.73 -14.92
CA ILE E 207 -6.26 12.16 -13.59
C ILE E 207 -7.42 11.67 -12.72
N GLN E 208 -7.10 11.09 -11.56
CA GLN E 208 -8.14 10.55 -10.67
C GLN E 208 -8.06 11.11 -9.25
N PHE E 209 -9.23 11.36 -8.66
CA PHE E 209 -9.31 11.87 -7.30
C PHE E 209 -10.75 11.89 -6.86
N HIS E 210 -10.96 11.82 -5.54
CA HIS E 210 -12.31 11.89 -5.02
C HIS E 210 -12.59 13.37 -4.83
N VAL E 211 -13.72 13.81 -5.36
CA VAL E 211 -14.14 15.20 -5.27
C VAL E 211 -14.07 15.67 -3.82
N ARG E 212 -14.53 14.80 -2.92
CA ARG E 212 -14.54 15.07 -1.50
C ARG E 212 -13.19 15.46 -0.89
N ASP E 213 -12.09 14.90 -1.40
CA ASP E 213 -10.76 15.16 -0.88
C ASP E 213 -9.90 16.12 -1.72
N LEU E 214 -10.45 16.73 -2.76
CA LEU E 214 -9.67 17.63 -3.60
C LEU E 214 -9.40 18.99 -2.96
N ASP E 215 -8.15 19.42 -3.02
CA ASP E 215 -7.73 20.70 -2.47
C ASP E 215 -8.34 21.82 -3.32
N GLN E 216 -8.59 22.98 -2.70
CA GLN E 216 -9.18 24.12 -3.39
C GLN E 216 -8.48 25.41 -3.00
N GLY E 217 -7.17 25.34 -2.81
CA GLY E 217 -6.44 26.53 -2.41
C GLY E 217 -5.61 27.28 -3.44
N PHE E 218 -5.79 26.99 -4.74
CA PHE E 218 -5.02 27.69 -5.74
C PHE E 218 -5.27 29.18 -5.66
N ASN E 219 -4.20 29.97 -5.76
CA ASN E 219 -4.33 31.43 -5.67
C ASN E 219 -3.93 32.23 -6.91
N GLY E 220 -3.11 31.64 -7.80
CA GLY E 220 -2.69 32.36 -8.98
C GLY E 220 -3.85 32.66 -9.91
N THR E 221 -3.56 32.91 -11.19
CA THR E 221 -4.62 33.16 -12.15
C THR E 221 -4.90 31.90 -12.96
N ARG E 222 -5.83 31.99 -13.91
CA ARG E 222 -6.13 30.83 -14.73
C ARG E 222 -4.97 30.58 -15.68
N GLU E 223 -4.23 31.66 -16.01
CA GLU E 223 -3.08 31.58 -16.91
C GLU E 223 -1.95 30.83 -16.21
N GLU E 224 -1.85 31.03 -14.90
CA GLU E 224 -0.80 30.38 -14.12
C GLU E 224 -1.13 28.94 -13.80
N TRP E 225 -2.42 28.62 -13.71
CA TRP E 225 -2.87 27.26 -13.43
C TRP E 225 -2.51 26.37 -14.63
N ALA E 226 -2.83 26.86 -15.83
CA ALA E 226 -2.56 26.17 -17.08
C ALA E 226 -1.07 25.91 -17.29
N LYS E 227 -0.25 26.93 -17.06
CA LYS E 227 1.18 26.78 -17.23
C LYS E 227 1.64 25.66 -16.30
N SER E 228 1.27 25.78 -15.03
CA SER E 228 1.65 24.78 -14.05
C SER E 228 1.20 23.37 -14.43
N TYR E 229 -0.02 23.25 -14.96
CA TYR E 229 -0.52 21.94 -15.35
C TYR E 229 0.32 21.33 -16.45
N LEU E 230 0.49 22.07 -17.55
CA LEU E 230 1.31 21.59 -18.65
C LEU E 230 2.68 21.16 -18.14
N LYS E 231 3.18 21.85 -17.12
CA LYS E 231 4.48 21.53 -16.54
C LYS E 231 4.42 20.16 -15.89
N HIS E 232 3.51 20.01 -14.94
CA HIS E 232 3.32 18.76 -14.23
C HIS E 232 3.07 17.62 -15.21
N PHE E 233 2.27 17.89 -16.24
CA PHE E 233 1.91 16.90 -17.25
C PHE E 233 3.11 16.33 -17.98
N VAL E 234 3.95 17.21 -18.52
CA VAL E 234 5.15 16.80 -19.23
C VAL E 234 6.07 16.07 -18.28
N THR E 235 6.26 16.65 -17.11
CA THR E 235 7.11 16.04 -16.10
C THR E 235 6.67 14.61 -15.83
N GLN E 236 5.38 14.42 -15.57
CA GLN E 236 4.88 13.09 -15.28
C GLN E 236 4.82 12.14 -16.48
N ALA E 237 4.83 12.69 -17.68
CA ALA E 237 4.81 11.88 -18.91
C ALA E 237 6.24 11.36 -19.14
N GLU E 238 7.23 12.22 -18.92
CA GLU E 238 8.62 11.82 -19.06
C GLU E 238 8.85 10.71 -18.05
N GLN E 239 8.35 10.93 -16.84
CA GLN E 239 8.48 9.99 -15.73
C GLN E 239 7.83 8.63 -16.05
N ARG E 240 6.63 8.67 -16.62
CA ARG E 240 5.91 7.44 -16.97
C ARG E 240 6.67 6.61 -18.01
N ALA E 241 7.19 7.28 -19.04
CA ALA E 241 7.93 6.61 -20.10
C ALA E 241 9.10 5.80 -19.53
N ILE E 242 9.81 6.37 -18.56
CA ILE E 242 10.94 5.69 -17.96
C ILE E 242 10.43 4.62 -16.99
N SER E 243 9.37 4.94 -16.25
CA SER E 243 8.80 4.00 -15.29
C SER E 243 8.23 2.75 -15.98
N MET E 244 7.76 2.92 -17.21
CA MET E 244 7.18 1.81 -17.97
C MET E 244 8.19 0.71 -18.22
N ILE E 245 9.39 1.11 -18.61
CA ILE E 245 10.46 0.17 -18.92
C ILE E 245 10.80 -0.69 -17.72
N ASP E 246 10.97 -0.05 -16.58
CA ASP E 246 11.32 -0.79 -15.39
C ASP E 246 10.22 -1.76 -14.95
N LYS E 247 9.01 -1.55 -15.43
CA LYS E 247 7.94 -2.45 -15.03
C LYS E 247 7.38 -3.35 -16.13
N PHE E 248 7.44 -2.91 -17.38
CA PHE E 248 6.89 -3.73 -18.46
C PHE E 248 7.94 -4.31 -19.39
N VAL E 249 9.21 -4.05 -19.11
CA VAL E 249 10.27 -4.57 -19.97
C VAL E 249 11.24 -5.50 -19.26
N LYS E 250 12.02 -4.96 -18.32
CA LYS E 250 12.99 -5.75 -17.59
C LYS E 250 12.39 -7.00 -16.94
N PRO E 251 11.27 -6.86 -16.23
CA PRO E 251 10.67 -8.03 -15.59
C PRO E 251 10.35 -9.20 -16.51
N PHE E 252 10.43 -8.98 -17.82
CA PHE E 252 10.14 -10.05 -18.78
C PHE E 252 11.27 -10.33 -19.76
N LYS E 253 12.41 -9.68 -19.55
CA LYS E 253 13.55 -9.87 -20.43
C LYS E 253 13.99 -11.34 -20.40
N LYS E 254 13.94 -11.95 -19.22
CA LYS E 254 14.35 -13.34 -19.01
C LYS E 254 13.51 -14.41 -19.71
N TYR E 255 12.89 -14.07 -20.83
CA TYR E 255 12.07 -15.04 -21.56
C TYR E 255 12.37 -14.92 -23.04
N ILE E 256 12.50 -13.67 -23.48
CA ILE E 256 12.77 -13.37 -24.87
C ILE E 256 14.16 -13.88 -25.30
N LEU E 257 15.05 -14.02 -24.32
CA LEU E 257 16.41 -14.49 -24.56
C LEU E 257 17.24 -13.45 -25.31
N SER F 1 -11.77 -26.03 -25.78
CA SER F 1 -13.09 -25.33 -25.78
C SER F 1 -14.25 -26.30 -25.70
N PHE F 2 -15.12 -26.08 -24.72
CA PHE F 2 -16.29 -26.92 -24.54
C PHE F 2 -17.49 -26.29 -25.26
N ILE F 3 -17.35 -25.03 -25.66
CA ILE F 3 -18.40 -24.29 -26.34
C ILE F 3 -18.38 -24.50 -27.85
N LYS F 4 -17.21 -24.39 -28.44
CA LYS F 4 -17.02 -24.56 -29.87
C LYS F 4 -17.87 -25.68 -30.49
N PRO F 5 -17.85 -26.89 -29.89
CA PRO F 5 -18.64 -27.99 -30.45
C PRO F 5 -20.14 -27.71 -30.54
N ILE F 6 -20.62 -26.87 -29.65
CA ILE F 6 -22.04 -26.54 -29.61
C ILE F 6 -22.30 -25.13 -30.15
N TYR F 7 -21.26 -24.47 -30.64
CA TYR F 7 -21.36 -23.10 -31.16
C TYR F 7 -22.47 -22.83 -32.18
N GLN F 8 -22.68 -23.72 -33.14
CA GLN F 8 -23.73 -23.53 -34.13
C GLN F 8 -25.10 -23.44 -33.43
N ASP F 9 -25.23 -24.18 -32.33
CA ASP F 9 -26.48 -24.20 -31.58
C ASP F 9 -26.67 -22.91 -30.78
N ILE F 10 -25.58 -22.39 -30.22
CA ILE F 10 -25.72 -21.15 -29.46
C ILE F 10 -25.99 -19.98 -30.39
N ASN F 11 -25.36 -19.97 -31.56
CA ASN F 11 -25.59 -18.90 -32.51
C ASN F 11 -27.04 -18.96 -32.97
N SER F 12 -27.53 -20.16 -33.21
CA SER F 12 -28.90 -20.32 -33.64
C SER F 12 -29.85 -19.76 -32.61
N ILE F 13 -29.71 -20.19 -31.36
CA ILE F 13 -30.60 -19.72 -30.30
C ILE F 13 -30.47 -18.22 -29.98
N LEU F 14 -29.25 -17.67 -30.07
CA LEU F 14 -29.04 -16.25 -29.79
C LEU F 14 -29.68 -15.34 -30.84
N ILE F 15 -29.28 -15.50 -32.11
CA ILE F 15 -29.84 -14.67 -33.16
C ILE F 15 -31.35 -14.61 -33.06
N GLY F 16 -31.88 -13.42 -32.79
CA GLY F 16 -33.32 -13.26 -32.66
C GLY F 16 -33.70 -12.91 -31.25
N GLN F 17 -32.83 -13.25 -30.30
CA GLN F 17 -33.05 -12.96 -28.89
C GLN F 17 -33.18 -11.46 -28.70
N LYS F 18 -34.03 -11.06 -27.76
CA LYS F 18 -34.20 -9.66 -27.47
C LYS F 18 -34.07 -9.42 -25.96
N VAL F 19 -33.57 -8.25 -25.60
CA VAL F 19 -33.40 -7.86 -24.21
C VAL F 19 -33.82 -6.38 -24.09
N LYS F 20 -34.52 -6.05 -23.00
CA LYS F 20 -34.98 -4.70 -22.77
C LYS F 20 -33.86 -3.68 -22.62
N ARG F 21 -34.04 -2.51 -23.22
CA ARG F 21 -33.04 -1.43 -23.13
C ARG F 21 -32.75 -1.26 -21.64
N PRO F 22 -31.56 -1.70 -21.21
CA PRO F 22 -31.12 -1.63 -19.80
C PRO F 22 -31.46 -0.38 -18.98
N LYS F 23 -31.46 0.79 -19.59
CA LYS F 23 -31.75 2.02 -18.85
C LYS F 23 -32.14 3.16 -19.78
N SER F 24 -32.73 4.22 -19.22
CA SER F 24 -33.12 5.38 -20.03
C SER F 24 -31.86 5.98 -20.66
N GLY F 25 -30.80 6.09 -19.86
CA GLY F 25 -29.54 6.62 -20.36
C GLY F 25 -28.94 5.68 -21.41
N THR F 26 -28.37 6.24 -22.47
CA THR F 26 -27.79 5.45 -23.54
C THR F 26 -26.92 4.30 -23.05
N LEU F 27 -26.76 3.30 -23.92
CA LEU F 27 -26.00 2.11 -23.59
C LEU F 27 -24.51 2.23 -23.90
N SER F 28 -23.72 2.51 -22.87
CA SER F 28 -22.25 2.62 -22.99
C SER F 28 -21.65 1.72 -21.92
N GLY F 29 -20.43 1.24 -22.16
CA GLY F 29 -19.78 0.38 -21.18
C GLY F 29 -20.67 -0.63 -20.49
N HIS F 30 -20.57 -0.72 -19.16
CA HIS F 30 -21.37 -1.66 -18.39
C HIS F 30 -22.89 -1.52 -18.56
N ALA F 31 -23.30 -0.44 -19.20
CA ALA F 31 -24.72 -0.20 -19.41
C ALA F 31 -25.08 -0.41 -20.88
N ALA F 32 -24.39 -1.33 -21.54
CA ALA F 32 -24.66 -1.62 -22.94
C ALA F 32 -25.38 -2.96 -23.12
N GLY F 33 -24.82 -3.84 -23.95
CA GLY F 33 -25.48 -5.12 -24.17
C GLY F 33 -25.19 -6.24 -23.19
N GLU F 34 -24.67 -5.91 -22.01
CA GLU F 34 -24.35 -6.89 -20.99
C GLU F 34 -25.45 -7.93 -20.72
N PRO F 35 -26.73 -7.52 -20.69
CA PRO F 35 -27.80 -8.50 -20.43
C PRO F 35 -27.69 -9.76 -21.29
N PHE F 36 -27.22 -9.63 -22.53
CA PHE F 36 -27.08 -10.79 -23.41
C PHE F 36 -26.17 -11.86 -22.80
N GLU F 37 -25.18 -11.43 -22.03
CA GLU F 37 -24.25 -12.37 -21.39
C GLU F 37 -25.04 -13.32 -20.48
N LYS F 38 -26.11 -12.82 -19.88
CA LYS F 38 -26.91 -13.66 -19.01
C LYS F 38 -27.63 -14.73 -19.82
N LEU F 39 -27.81 -14.47 -21.11
CA LEU F 39 -28.48 -15.44 -21.96
C LEU F 39 -27.50 -16.49 -22.42
N VAL F 40 -26.25 -16.11 -22.56
CA VAL F 40 -25.25 -17.07 -23.00
C VAL F 40 -25.09 -18.04 -21.86
N TYR F 41 -24.85 -17.50 -20.68
CA TYR F 41 -24.67 -18.31 -19.47
C TYR F 41 -25.83 -19.27 -19.30
N LYS F 42 -27.05 -18.75 -19.49
CA LYS F 42 -28.27 -19.55 -19.36
C LYS F 42 -28.22 -20.77 -20.30
N PHE F 43 -27.90 -20.52 -21.56
CA PHE F 43 -27.81 -21.59 -22.53
C PHE F 43 -26.73 -22.60 -22.12
N LEU F 44 -25.60 -22.10 -21.66
CA LEU F 44 -24.52 -22.99 -21.27
C LEU F 44 -24.89 -23.83 -20.06
N LYS F 45 -25.48 -23.21 -19.04
CA LYS F 45 -25.86 -23.98 -17.86
C LYS F 45 -26.82 -25.07 -18.32
N GLU F 46 -27.73 -24.68 -19.21
CA GLU F 46 -28.73 -25.59 -19.75
C GLU F 46 -28.18 -26.76 -20.59
N ASN F 47 -27.03 -26.59 -21.23
CA ASN F 47 -26.51 -27.67 -22.07
C ASN F 47 -25.16 -28.23 -21.66
N LEU F 48 -24.57 -27.65 -20.63
CA LEU F 48 -23.28 -28.12 -20.13
C LEU F 48 -23.30 -27.89 -18.62
N SER F 49 -24.47 -28.13 -18.03
CA SER F 49 -24.70 -27.92 -16.61
C SER F 49 -23.56 -28.27 -15.63
N ASP F 50 -22.81 -29.33 -15.93
CA ASP F 50 -21.73 -29.74 -15.03
C ASP F 50 -20.44 -28.96 -15.28
N LEU F 51 -20.37 -28.28 -16.41
CA LEU F 51 -19.19 -27.51 -16.77
C LEU F 51 -19.31 -26.00 -16.56
N THR F 52 -20.52 -25.49 -16.73
CA THR F 52 -20.81 -24.05 -16.64
C THR F 52 -20.78 -23.38 -15.26
N PHE F 53 -19.89 -22.39 -15.11
CA PHE F 53 -19.73 -21.65 -13.87
C PHE F 53 -19.47 -20.16 -14.05
N LYS F 54 -20.00 -19.35 -13.13
CA LYS F 54 -19.71 -17.93 -13.14
C LYS F 54 -18.35 -17.95 -12.43
N GLN F 55 -17.48 -16.99 -12.68
CA GLN F 55 -16.18 -17.04 -12.02
C GLN F 55 -16.28 -17.07 -10.50
N TYR F 56 -17.12 -16.21 -9.92
CA TYR F 56 -17.24 -16.20 -8.47
C TYR F 56 -17.91 -17.49 -7.99
N GLU F 57 -18.87 -17.95 -8.78
CA GLU F 57 -19.59 -19.19 -8.52
C GLU F 57 -18.61 -20.37 -8.44
N TYR F 58 -17.58 -20.37 -9.28
CA TYR F 58 -16.61 -21.46 -9.25
C TYR F 58 -15.78 -21.42 -7.97
N LEU F 59 -15.44 -20.22 -7.52
CA LEU F 59 -14.66 -20.06 -6.30
C LEU F 59 -15.49 -20.40 -5.08
N ASN F 60 -16.79 -20.11 -5.17
CA ASN F 60 -17.68 -20.40 -4.08
C ASN F 60 -17.80 -21.91 -3.92
N ASP F 61 -17.91 -22.63 -5.04
CA ASP F 61 -18.02 -24.07 -4.94
C ASP F 61 -16.69 -24.72 -4.54
N LEU F 62 -15.57 -24.06 -4.86
CA LEU F 62 -14.27 -24.62 -4.52
C LEU F 62 -14.06 -24.63 -3.01
N PHE F 63 -14.15 -23.46 -2.40
CA PHE F 63 -13.98 -23.36 -0.96
C PHE F 63 -15.06 -24.17 -0.25
N MET F 64 -16.26 -24.21 -0.82
CA MET F 64 -17.38 -24.94 -0.24
C MET F 64 -17.11 -26.43 -0.01
N LYS F 65 -16.39 -27.06 -0.94
CA LYS F 65 -16.12 -28.48 -0.80
C LYS F 65 -14.80 -28.74 -0.12
N ASN F 66 -14.41 -27.80 0.72
CA ASN F 66 -13.19 -27.89 1.50
C ASN F 66 -13.42 -27.22 2.84
N PRO F 67 -14.37 -27.74 3.63
CA PRO F 67 -14.72 -27.18 4.94
C PRO F 67 -13.61 -27.23 5.99
N ALA F 68 -12.63 -28.10 5.81
CA ALA F 68 -11.56 -28.20 6.79
C ALA F 68 -10.46 -27.18 6.57
N ILE F 69 -10.39 -26.68 5.33
CA ILE F 69 -9.35 -25.73 4.94
C ILE F 69 -9.13 -24.49 5.84
N ILE F 70 -10.03 -23.50 5.78
CA ILE F 70 -9.93 -22.26 6.55
C ILE F 70 -8.57 -21.54 6.49
N GLY F 71 -8.63 -20.21 6.34
CA GLY F 71 -7.41 -19.41 6.24
C GLY F 71 -7.03 -19.19 4.79
N HIS F 72 -6.72 -17.94 4.43
CA HIS F 72 -6.35 -17.65 3.04
C HIS F 72 -5.18 -18.49 2.53
N GLU F 73 -4.13 -18.58 3.33
CA GLU F 73 -2.94 -19.33 2.95
C GLU F 73 -3.28 -20.75 2.52
N ALA F 74 -4.00 -21.47 3.37
CA ALA F 74 -4.38 -22.84 3.06
C ALA F 74 -5.32 -22.89 1.85
N ARG F 75 -6.17 -21.88 1.74
CA ARG F 75 -7.13 -21.82 0.65
C ARG F 75 -6.55 -21.56 -0.72
N TYR F 76 -5.48 -20.79 -0.79
CA TYR F 76 -4.85 -20.53 -2.08
C TYR F 76 -4.30 -21.84 -2.61
N LYS F 77 -3.86 -22.71 -1.71
CA LYS F 77 -3.32 -23.99 -2.14
C LYS F 77 -4.33 -24.84 -2.88
N LEU F 78 -5.61 -24.56 -2.66
CA LEU F 78 -6.68 -25.30 -3.31
C LEU F 78 -6.66 -25.19 -4.83
N PHE F 79 -6.14 -24.08 -5.34
CA PHE F 79 -6.08 -23.85 -6.79
C PHE F 79 -5.20 -24.84 -7.53
N ASN F 80 -4.21 -25.39 -6.83
CA ASN F 80 -3.27 -26.37 -7.38
C ASN F 80 -2.55 -25.89 -8.65
N SER F 81 -2.54 -24.58 -8.88
CA SER F 81 -1.88 -24.02 -10.06
C SER F 81 -1.71 -22.53 -9.87
N PRO F 82 -0.46 -22.04 -10.00
CA PRO F 82 -0.21 -20.60 -9.82
C PRO F 82 -0.88 -19.74 -10.86
N THR F 83 -0.77 -20.14 -12.12
CA THR F 83 -1.36 -19.37 -13.20
C THR F 83 -2.87 -19.22 -13.06
N LEU F 84 -3.53 -20.20 -12.46
CA LEU F 84 -4.97 -20.11 -12.26
C LEU F 84 -5.29 -19.24 -11.04
N LEU F 85 -4.37 -19.22 -10.08
CA LEU F 85 -4.57 -18.42 -8.89
C LEU F 85 -4.50 -16.96 -9.30
N PHE F 86 -3.51 -16.62 -10.14
CA PHE F 86 -3.31 -15.26 -10.61
C PHE F 86 -4.50 -14.74 -11.44
N LEU F 87 -5.10 -15.61 -12.25
CA LEU F 87 -6.21 -15.20 -13.10
C LEU F 87 -7.62 -15.28 -12.52
N LEU F 88 -7.84 -16.19 -11.58
CA LEU F 88 -9.18 -16.34 -11.01
C LEU F 88 -9.39 -15.91 -9.55
N SER F 89 -8.39 -16.18 -8.71
CA SER F 89 -8.49 -15.88 -7.27
C SER F 89 -8.82 -14.44 -6.89
N ARG F 90 -9.32 -14.28 -5.67
CA ARG F 90 -9.68 -12.97 -5.15
C ARG F 90 -8.64 -12.49 -4.15
N GLY F 91 -8.86 -11.32 -3.56
CA GLY F 91 -7.91 -10.76 -2.62
C GLY F 91 -7.64 -11.64 -1.41
N LYS F 92 -6.49 -11.43 -0.78
CA LYS F 92 -6.12 -12.21 0.39
C LYS F 92 -7.15 -12.03 1.52
N ALA F 93 -7.56 -10.79 1.76
CA ALA F 93 -8.56 -10.54 2.82
C ALA F 93 -9.89 -11.15 2.41
N ALA F 94 -10.19 -11.06 1.12
CA ALA F 94 -11.43 -11.61 0.58
C ALA F 94 -11.47 -13.13 0.71
N THR F 95 -10.30 -13.76 0.60
CA THR F 95 -10.17 -15.20 0.69
C THR F 95 -10.23 -15.65 2.15
N GLU F 96 -9.62 -14.86 3.02
CA GLU F 96 -9.58 -15.14 4.46
C GLU F 96 -10.98 -15.12 5.09
N ASN F 97 -11.70 -14.05 4.82
CA ASN F 97 -13.03 -13.86 5.37
C ASN F 97 -14.16 -14.63 4.66
N TRP F 98 -13.84 -15.34 3.59
CA TRP F 98 -14.86 -16.08 2.88
C TRP F 98 -15.47 -17.11 3.81
N SER F 99 -16.76 -17.42 3.60
CA SER F 99 -17.47 -18.40 4.42
C SER F 99 -18.78 -18.63 3.71
N ILE F 100 -19.46 -19.73 4.02
CA ILE F 100 -20.72 -20.01 3.37
C ILE F 100 -21.76 -18.93 3.67
N GLU F 101 -21.52 -18.15 4.71
CA GLU F 101 -22.46 -17.08 5.05
C GLU F 101 -21.93 -15.73 4.54
N ASN F 102 -20.84 -15.79 3.78
CA ASN F 102 -20.23 -14.60 3.19
C ASN F 102 -19.60 -14.96 1.84
N LEU F 103 -20.44 -15.41 0.90
CA LEU F 103 -20.00 -15.81 -0.44
C LEU F 103 -19.45 -14.75 -1.38
N PHE F 104 -18.69 -15.21 -2.38
CA PHE F 104 -18.14 -14.30 -3.37
C PHE F 104 -19.28 -13.87 -4.32
N GLU F 105 -19.23 -12.61 -4.74
CA GLU F 105 -20.20 -12.07 -5.69
C GLU F 105 -19.36 -11.62 -6.86
N GLU F 106 -19.98 -11.25 -7.97
CA GLU F 106 -19.15 -10.80 -9.08
C GLU F 106 -18.41 -9.52 -8.72
N LYS F 107 -17.18 -9.42 -9.22
CA LYS F 107 -16.36 -8.25 -9.01
C LYS F 107 -16.10 -7.67 -10.40
N GLN F 108 -15.99 -6.36 -10.47
CA GLN F 108 -15.79 -5.66 -11.73
C GLN F 108 -14.61 -6.10 -12.58
N ASN F 109 -13.45 -6.33 -11.97
CA ASN F 109 -12.29 -6.74 -12.73
C ASN F 109 -12.03 -8.24 -12.73
N ASP F 110 -13.09 -9.06 -12.64
CA ASP F 110 -12.90 -10.52 -12.62
C ASP F 110 -11.83 -11.05 -13.58
N THR F 111 -12.18 -11.18 -14.85
CA THR F 111 -11.30 -11.67 -15.91
C THR F 111 -12.16 -12.41 -16.89
N ALA F 112 -12.98 -13.31 -16.35
CA ALA F 112 -13.86 -14.09 -17.21
C ALA F 112 -15.34 -14.01 -16.78
N ASP F 113 -16.20 -14.03 -17.78
CA ASP F 113 -17.63 -13.98 -17.56
C ASP F 113 -18.09 -15.38 -17.15
N ILE F 114 -17.61 -16.37 -17.90
CA ILE F 114 -18.00 -17.74 -17.69
C ILE F 114 -16.86 -18.72 -17.69
N LEU F 115 -16.94 -19.67 -16.75
CA LEU F 115 -15.93 -20.68 -16.65
C LEU F 115 -16.49 -22.05 -16.96
N LEU F 116 -15.90 -22.69 -17.96
CA LEU F 116 -16.29 -24.03 -18.31
C LEU F 116 -15.13 -24.89 -17.80
N VAL F 117 -15.41 -25.73 -16.81
CA VAL F 117 -14.36 -26.57 -16.25
C VAL F 117 -14.73 -28.03 -16.35
N LYS F 118 -13.74 -28.84 -16.68
CA LYS F 118 -13.91 -30.27 -16.82
C LYS F 118 -12.53 -30.92 -16.88
N ASP F 119 -12.40 -32.06 -16.20
CA ASP F 119 -11.16 -32.84 -16.16
C ASP F 119 -9.88 -32.03 -15.97
N GLN F 120 -9.87 -31.15 -14.96
CA GLN F 120 -8.68 -30.35 -14.69
C GLN F 120 -8.32 -29.38 -15.81
N PHE F 121 -9.18 -29.26 -16.82
CA PHE F 121 -8.93 -28.32 -17.92
C PHE F 121 -9.88 -27.13 -17.74
N TYR F 122 -9.37 -25.92 -17.91
CA TYR F 122 -10.18 -24.71 -17.74
C TYR F 122 -10.35 -23.83 -18.97
N GLU F 123 -11.61 -23.61 -19.38
CA GLU F 123 -11.91 -22.73 -20.51
C GLU F 123 -12.46 -21.40 -19.94
N LEU F 124 -11.68 -20.32 -20.07
CA LEU F 124 -12.13 -18.99 -19.60
C LEU F 124 -12.91 -18.32 -20.73
N LEU F 125 -14.22 -18.13 -20.55
CA LEU F 125 -15.03 -17.52 -21.58
C LEU F 125 -15.42 -16.07 -21.28
N ASP F 126 -15.12 -15.19 -22.22
CA ASP F 126 -15.43 -13.76 -22.11
C ASP F 126 -16.41 -13.40 -23.21
N VAL F 127 -17.50 -12.72 -22.85
CA VAL F 127 -18.47 -12.33 -23.86
C VAL F 127 -18.37 -10.85 -24.18
N LYS F 128 -18.07 -10.54 -25.45
CA LYS F 128 -18.00 -9.15 -25.89
C LYS F 128 -19.33 -8.86 -26.58
N THR F 129 -19.98 -7.74 -26.28
CA THR F 129 -21.21 -7.45 -26.98
C THR F 129 -21.02 -6.16 -27.76
N ARG F 130 -21.64 -6.06 -28.93
CA ARG F 130 -21.46 -4.87 -29.74
C ARG F 130 -22.70 -4.33 -30.46
N ASN F 131 -22.82 -3.01 -30.46
CA ASN F 131 -23.91 -2.31 -31.14
C ASN F 131 -23.48 -2.29 -32.59
N ILE F 132 -24.14 -3.11 -33.39
CA ILE F 132 -23.81 -3.26 -34.80
C ILE F 132 -24.36 -2.16 -35.71
N SER F 133 -25.25 -1.32 -35.19
CA SER F 133 -25.84 -0.26 -35.98
C SER F 133 -24.81 0.82 -36.28
N LYS F 134 -23.67 0.75 -35.61
CA LYS F 134 -22.62 1.71 -35.87
C LYS F 134 -21.29 1.00 -36.05
N SER F 135 -20.30 1.74 -36.52
CA SER F 135 -18.97 1.21 -36.73
C SER F 135 -18.07 1.81 -35.67
N ALA F 136 -17.91 1.10 -34.56
CA ALA F 136 -17.07 1.59 -33.48
C ALA F 136 -15.72 0.91 -33.48
N GLN F 137 -14.87 1.39 -32.58
CA GLN F 137 -13.51 0.87 -32.41
C GLN F 137 -13.52 -0.51 -31.74
N ALA F 138 -12.46 -1.29 -31.95
CA ALA F 138 -12.38 -2.60 -31.33
C ALA F 138 -12.55 -2.43 -29.83
N PRO F 139 -13.20 -3.39 -29.16
CA PRO F 139 -13.39 -3.25 -27.72
C PRO F 139 -12.22 -3.82 -26.93
N ASN F 140 -12.17 -3.48 -25.64
CA ASN F 140 -11.13 -4.00 -24.74
C ASN F 140 -11.38 -5.49 -24.60
N ILE F 141 -10.36 -6.28 -24.98
CA ILE F 141 -10.40 -7.73 -24.93
C ILE F 141 -9.87 -8.17 -23.57
N ILE F 142 -8.59 -7.89 -23.32
CA ILE F 142 -7.98 -8.25 -22.06
C ILE F 142 -6.73 -7.39 -21.86
N SER F 143 -6.27 -7.29 -20.62
CA SER F 143 -5.09 -6.49 -20.30
C SER F 143 -3.83 -7.15 -20.86
N ALA F 144 -3.08 -6.40 -21.67
CA ALA F 144 -1.85 -6.93 -22.25
C ALA F 144 -0.88 -7.33 -21.14
N TYR F 145 -0.83 -6.52 -20.10
CA TYR F 145 0.04 -6.73 -18.97
C TYR F 145 -0.38 -7.95 -18.16
N LYS F 146 -1.69 -8.14 -18.00
CA LYS F 146 -2.18 -9.30 -17.27
C LYS F 146 -1.81 -10.56 -18.07
N LEU F 147 -1.87 -10.45 -19.40
CA LEU F 147 -1.55 -11.57 -20.28
C LEU F 147 -0.07 -11.93 -20.17
N ALA F 148 0.77 -10.90 -20.11
CA ALA F 148 2.21 -11.10 -20.01
C ALA F 148 2.53 -11.87 -18.73
N GLN F 149 1.85 -11.51 -17.63
CA GLN F 149 2.07 -12.17 -16.36
C GLN F 149 1.64 -13.63 -16.42
N THR F 150 0.57 -13.91 -17.17
CA THR F 150 0.07 -15.27 -17.29
C THR F 150 1.03 -16.10 -18.14
N CYS F 151 1.55 -15.50 -19.19
CA CYS F 151 2.50 -16.16 -20.07
C CYS F 151 3.77 -16.42 -19.29
N ALA F 152 4.20 -15.42 -18.53
CA ALA F 152 5.40 -15.57 -17.72
C ALA F 152 5.17 -16.70 -16.73
N LYS F 153 3.95 -16.80 -16.21
CA LYS F 153 3.62 -17.84 -15.25
C LYS F 153 3.54 -19.20 -15.92
N MET F 154 2.95 -19.25 -17.11
CA MET F 154 2.85 -20.51 -17.83
C MET F 154 4.25 -21.05 -18.08
N ILE F 155 5.11 -20.21 -18.65
CA ILE F 155 6.47 -20.61 -18.97
C ILE F 155 7.24 -21.07 -17.74
N ASP F 156 7.18 -20.32 -16.65
CA ASP F 156 7.89 -20.69 -15.43
C ASP F 156 7.39 -21.98 -14.78
N ASN F 157 6.07 -22.15 -14.72
CA ASN F 157 5.50 -23.34 -14.11
C ASN F 157 5.20 -24.43 -15.15
N LYS F 158 5.69 -24.22 -16.37
CA LYS F 158 5.51 -25.17 -17.47
C LYS F 158 4.11 -25.74 -17.63
N GLU F 159 3.09 -24.97 -17.30
CA GLU F 159 1.72 -25.45 -17.47
C GLU F 159 1.14 -24.84 -18.74
N PHE F 160 1.29 -25.57 -19.84
CA PHE F 160 0.84 -25.13 -21.15
C PHE F 160 -0.39 -25.84 -21.67
N ASP F 161 -0.93 -26.79 -20.91
CA ASP F 161 -2.10 -27.51 -21.37
C ASP F 161 -3.21 -27.47 -20.31
N LEU F 162 -3.20 -26.41 -19.51
CA LEU F 162 -4.17 -26.26 -18.44
C LEU F 162 -5.42 -25.46 -18.77
N PHE F 163 -5.30 -24.39 -19.55
CA PHE F 163 -6.46 -23.56 -19.84
C PHE F 163 -6.48 -22.87 -21.19
N ASP F 164 -7.67 -22.40 -21.57
CA ASP F 164 -7.89 -21.67 -22.82
C ASP F 164 -8.70 -20.40 -22.54
N ILE F 165 -8.35 -19.32 -23.22
CA ILE F 165 -9.07 -18.05 -23.10
C ILE F 165 -9.83 -17.84 -24.41
N ASN F 166 -11.13 -18.05 -24.41
CA ASN F 166 -11.91 -17.88 -25.64
C ASN F 166 -12.88 -16.71 -25.61
N TYR F 167 -13.36 -16.32 -26.78
CA TYR F 167 -14.24 -15.16 -26.88
C TYR F 167 -15.48 -15.34 -27.72
N LEU F 168 -16.59 -14.81 -27.22
CA LEU F 168 -17.85 -14.88 -27.91
C LEU F 168 -18.36 -13.45 -28.08
N GLU F 169 -18.59 -13.06 -29.33
CA GLU F 169 -19.12 -11.75 -29.64
C GLU F 169 -20.59 -11.94 -30.03
N VAL F 170 -21.47 -11.11 -29.50
CA VAL F 170 -22.86 -11.20 -29.91
C VAL F 170 -23.31 -9.80 -30.26
N ASP F 171 -23.50 -9.59 -31.56
CA ASP F 171 -23.92 -8.31 -32.10
C ASP F 171 -25.41 -8.04 -31.94
N TRP F 172 -25.77 -6.80 -31.67
CA TRP F 172 -27.18 -6.45 -31.54
C TRP F 172 -27.50 -5.11 -32.18
N GLU F 173 -28.78 -4.84 -32.27
CA GLU F 173 -29.27 -3.59 -32.82
C GLU F 173 -30.61 -3.28 -32.19
N LEU F 174 -30.80 -2.00 -31.93
CA LEU F 174 -31.99 -1.46 -31.30
C LEU F 174 -33.28 -1.66 -32.11
N ASN F 175 -34.24 -2.36 -31.53
CA ASN F 175 -35.52 -2.59 -32.19
C ASN F 175 -36.56 -2.03 -31.23
N GLY F 176 -36.85 -0.74 -31.37
CA GLY F 176 -37.81 -0.11 -30.48
C GLY F 176 -37.08 0.09 -29.17
N GLU F 177 -37.63 -0.44 -28.08
CA GLU F 177 -36.96 -0.30 -26.79
C GLU F 177 -36.32 -1.63 -26.38
N ASP F 178 -36.06 -2.48 -27.38
CA ASP F 178 -35.43 -3.77 -27.14
C ASP F 178 -34.13 -3.85 -27.92
N LEU F 179 -33.22 -4.70 -27.48
CA LEU F 179 -31.97 -4.88 -28.21
C LEU F 179 -32.13 -6.27 -28.81
N VAL F 180 -31.83 -6.41 -30.09
CA VAL F 180 -31.97 -7.73 -30.68
C VAL F 180 -30.66 -8.27 -31.19
N CYS F 181 -30.37 -9.50 -30.82
CA CYS F 181 -29.15 -10.13 -31.29
C CYS F 181 -29.38 -10.36 -32.76
N VAL F 182 -28.42 -9.95 -33.59
CA VAL F 182 -28.57 -10.17 -35.03
C VAL F 182 -27.48 -11.10 -35.54
N SER F 183 -26.32 -11.06 -34.91
CA SER F 183 -25.19 -11.90 -35.30
C SER F 183 -24.37 -12.43 -34.11
N THR F 184 -23.35 -13.23 -34.40
CA THR F 184 -22.52 -13.82 -33.36
C THR F 184 -21.17 -14.19 -33.97
N SER F 185 -20.20 -14.49 -33.12
CA SER F 185 -18.89 -14.90 -33.60
C SER F 185 -18.09 -15.46 -32.44
N PHE F 186 -17.03 -16.21 -32.74
CA PHE F 186 -16.22 -16.84 -31.70
C PHE F 186 -14.78 -17.06 -32.13
N ALA F 187 -13.84 -16.77 -31.25
CA ALA F 187 -12.43 -16.96 -31.55
C ALA F 187 -11.69 -17.38 -30.29
N GLU F 188 -10.53 -17.99 -30.48
CA GLU F 188 -9.70 -18.44 -29.37
C GLU F 188 -8.40 -17.63 -29.38
N LEU F 189 -8.13 -16.92 -28.29
CA LEU F 189 -6.94 -16.10 -28.19
C LEU F 189 -5.64 -16.80 -28.60
N PHE F 190 -5.44 -17.99 -28.06
CA PHE F 190 -4.24 -18.78 -28.34
C PHE F 190 -4.15 -19.39 -29.73
N LYS F 191 -5.16 -19.16 -30.56
CA LYS F 191 -5.13 -19.66 -31.92
C LYS F 191 -4.77 -18.50 -32.85
N SER F 192 -4.57 -17.32 -32.27
CA SER F 192 -4.22 -16.13 -33.02
C SER F 192 -2.73 -15.83 -33.06
N GLU F 193 -2.31 -15.10 -34.07
CA GLU F 193 -0.90 -14.75 -34.18
C GLU F 193 -0.61 -13.75 -33.05
N PRO F 194 0.07 -14.22 -32.00
CA PRO F 194 0.41 -13.36 -30.86
C PRO F 194 1.08 -12.05 -31.24
N SER F 195 1.96 -12.11 -32.24
CA SER F 195 2.71 -10.94 -32.71
C SER F 195 1.87 -9.91 -33.46
N GLU F 196 0.61 -10.24 -33.72
CA GLU F 196 -0.27 -9.33 -34.43
C GLU F 196 -1.36 -8.70 -33.54
N LEU F 197 -1.49 -9.15 -32.28
CA LEU F 197 -2.51 -8.56 -31.40
C LEU F 197 -2.15 -7.09 -31.18
N TYR F 198 -3.15 -6.23 -31.26
CA TYR F 198 -2.87 -4.81 -31.07
C TYR F 198 -3.02 -4.40 -29.61
N ILE F 199 -1.95 -3.87 -29.03
CA ILE F 199 -1.95 -3.42 -27.64
C ILE F 199 -2.27 -1.91 -27.54
N ASN F 200 -3.44 -1.56 -27.01
CA ASN F 200 -3.81 -0.14 -26.88
C ASN F 200 -3.42 0.36 -25.52
N TRP F 201 -2.20 0.85 -25.39
CA TRP F 201 -1.71 1.33 -24.11
C TRP F 201 -2.63 2.28 -23.33
N ALA F 202 -2.93 3.44 -23.88
CA ALA F 202 -3.79 4.38 -23.18
C ALA F 202 -5.05 3.71 -22.66
N ALA F 203 -5.66 2.87 -23.50
CA ALA F 203 -6.88 2.19 -23.13
C ALA F 203 -6.63 1.03 -22.17
N ALA F 204 -6.09 1.38 -20.99
CA ALA F 204 -5.80 0.39 -19.95
C ALA F 204 -4.91 -0.75 -20.42
N MET F 205 -3.98 -0.46 -21.33
CA MET F 205 -3.06 -1.47 -21.85
C MET F 205 -3.84 -2.71 -22.28
N GLN F 206 -4.97 -2.50 -22.92
CA GLN F 206 -5.83 -3.58 -23.36
C GLN F 206 -5.61 -4.00 -24.80
N ILE F 207 -5.50 -5.31 -25.08
CA ILE F 207 -5.39 -5.67 -26.47
C ILE F 207 -6.86 -5.50 -26.94
N GLN F 208 -7.04 -5.02 -28.15
CA GLN F 208 -8.37 -4.82 -28.68
C GLN F 208 -8.53 -5.42 -30.07
N PHE F 209 -9.67 -6.03 -30.32
CA PHE F 209 -9.96 -6.58 -31.62
C PHE F 209 -11.43 -6.90 -31.68
N HIS F 210 -11.99 -6.92 -32.88
CA HIS F 210 -13.38 -7.30 -33.01
C HIS F 210 -13.26 -8.81 -33.17
N VAL F 211 -13.90 -9.55 -32.27
CA VAL F 211 -13.83 -10.99 -32.30
C VAL F 211 -14.04 -11.60 -33.67
N ARG F 212 -15.06 -11.13 -34.38
CA ARG F 212 -15.38 -11.64 -35.71
C ARG F 212 -14.26 -11.50 -36.71
N ASP F 213 -13.26 -10.69 -36.40
CA ASP F 213 -12.16 -10.48 -37.34
C ASP F 213 -10.85 -11.14 -36.94
N LEU F 214 -10.81 -11.73 -35.74
CA LEU F 214 -9.58 -12.34 -35.27
C LEU F 214 -9.09 -13.51 -36.12
N ASP F 215 -7.78 -13.55 -36.33
CA ASP F 215 -7.14 -14.60 -37.13
C ASP F 215 -6.93 -15.85 -36.26
N GLN F 216 -7.24 -17.01 -36.83
CA GLN F 216 -7.11 -18.27 -36.11
C GLN F 216 -6.19 -19.26 -36.81
N GLY F 217 -4.97 -18.83 -37.14
CA GLY F 217 -4.08 -19.72 -37.83
C GLY F 217 -2.75 -20.06 -37.19
N PHE F 218 -2.58 -19.77 -35.90
CA PHE F 218 -1.32 -20.07 -35.22
C PHE F 218 -0.95 -21.56 -35.37
N ASN F 219 0.34 -21.85 -35.51
CA ASN F 219 0.81 -23.22 -35.66
C ASN F 219 1.35 -23.76 -34.34
N GLY F 220 2.53 -23.26 -33.99
CA GLY F 220 3.25 -23.62 -32.78
C GLY F 220 2.62 -24.31 -31.58
N THR F 221 3.46 -24.53 -30.57
CA THR F 221 3.03 -25.17 -29.34
C THR F 221 2.88 -24.10 -28.28
N ARG F 222 1.69 -24.02 -27.69
CA ARG F 222 1.36 -23.07 -26.64
C ARG F 222 2.52 -22.32 -25.98
N GLU F 223 3.69 -22.97 -25.87
CA GLU F 223 4.85 -22.31 -25.27
C GLU F 223 5.38 -21.26 -26.25
N GLU F 224 5.39 -21.59 -27.52
CA GLU F 224 5.86 -20.66 -28.54
C GLU F 224 4.94 -19.47 -28.53
N TRP F 225 3.63 -19.73 -28.43
CA TRP F 225 2.64 -18.67 -28.40
C TRP F 225 2.96 -17.69 -27.28
N ALA F 226 3.40 -18.21 -26.13
CA ALA F 226 3.74 -17.39 -24.98
C ALA F 226 5.02 -16.61 -25.20
N LYS F 227 6.07 -17.31 -25.65
CA LYS F 227 7.36 -16.68 -25.92
C LYS F 227 7.16 -15.61 -26.99
N SER F 228 6.27 -15.90 -27.93
CA SER F 228 6.00 -14.97 -29.00
C SER F 228 5.21 -13.78 -28.44
N TYR F 229 4.36 -14.01 -27.44
CA TYR F 229 3.61 -12.90 -26.87
C TYR F 229 4.47 -11.99 -26.00
N LEU F 230 5.33 -12.57 -25.16
CA LEU F 230 6.16 -11.71 -24.32
C LEU F 230 7.04 -10.83 -25.20
N LYS F 231 7.52 -11.41 -26.30
CA LYS F 231 8.39 -10.71 -27.22
C LYS F 231 7.69 -9.48 -27.77
N HIS F 232 6.54 -9.70 -28.38
CA HIS F 232 5.74 -8.63 -28.95
C HIS F 232 5.40 -7.57 -27.92
N PHE F 233 5.05 -8.01 -26.71
CA PHE F 233 4.66 -7.12 -25.62
C PHE F 233 5.79 -6.21 -25.19
N VAL F 234 6.96 -6.78 -24.97
CA VAL F 234 8.09 -5.95 -24.55
C VAL F 234 8.41 -4.96 -25.64
N THR F 235 8.39 -5.41 -26.90
CA THR F 235 8.68 -4.54 -28.02
C THR F 235 7.71 -3.38 -28.04
N GLN F 236 6.44 -3.67 -27.85
CA GLN F 236 5.44 -2.62 -27.85
C GLN F 236 5.63 -1.67 -26.67
N ALA F 237 6.08 -2.19 -25.53
CA ALA F 237 6.31 -1.34 -24.37
C ALA F 237 7.47 -0.39 -24.67
N GLU F 238 8.55 -0.92 -25.23
CA GLU F 238 9.70 -0.10 -25.60
C GLU F 238 9.17 0.99 -26.54
N GLN F 239 8.55 0.56 -27.63
CA GLN F 239 8.01 1.50 -28.59
C GLN F 239 7.18 2.55 -27.87
N ARG F 240 6.19 2.11 -27.10
CA ARG F 240 5.31 3.01 -26.36
C ARG F 240 6.10 3.97 -25.46
N ALA F 241 7.24 3.53 -24.95
CA ALA F 241 8.06 4.38 -24.10
C ALA F 241 8.59 5.57 -24.90
N ILE F 242 8.81 5.36 -26.19
CA ILE F 242 9.30 6.43 -27.06
C ILE F 242 8.16 7.36 -27.46
N SER F 243 7.23 6.82 -28.25
CA SER F 243 6.07 7.55 -28.74
C SER F 243 5.42 8.49 -27.72
N MET F 244 5.52 8.14 -26.45
CA MET F 244 4.93 8.97 -25.40
C MET F 244 5.70 10.28 -25.27
N ILE F 245 6.75 10.44 -26.05
CA ILE F 245 7.53 11.65 -26.00
C ILE F 245 7.21 12.50 -27.23
N ASP F 246 6.97 11.82 -28.35
CA ASP F 246 6.64 12.51 -29.60
C ASP F 246 5.30 13.20 -29.37
N LYS F 247 4.62 12.76 -28.31
CA LYS F 247 3.33 13.30 -27.90
C LYS F 247 3.49 13.47 -26.39
N PHE F 248 2.63 14.28 -25.78
CA PHE F 248 2.68 14.49 -24.33
C PHE F 248 3.88 15.30 -23.86
N VAL F 249 5.02 15.12 -24.51
CA VAL F 249 6.23 15.84 -24.12
C VAL F 249 6.67 16.89 -25.15
N LYS F 250 7.40 16.45 -26.16
CA LYS F 250 7.91 17.35 -27.21
C LYS F 250 6.95 18.45 -27.70
N PRO F 251 5.66 18.13 -27.85
CA PRO F 251 4.74 19.19 -28.32
C PRO F 251 4.16 20.14 -27.26
N PHE F 252 4.63 20.05 -26.02
CA PHE F 252 4.15 20.94 -24.98
C PHE F 252 5.29 21.68 -24.30
N LYS F 253 6.51 21.38 -24.73
CA LYS F 253 7.69 22.03 -24.17
C LYS F 253 7.67 23.54 -24.42
N LYS F 254 7.12 23.94 -25.57
CA LYS F 254 7.05 25.37 -25.93
C LYS F 254 6.46 26.23 -24.81
N TYR F 255 5.72 25.59 -23.91
CA TYR F 255 5.10 26.30 -22.79
C TYR F 255 5.96 26.08 -21.55
N ILE F 256 6.62 27.14 -21.08
CA ILE F 256 7.48 27.07 -19.90
C ILE F 256 8.27 25.77 -19.87
N SER G 1 15.71 -28.42 11.61
CA SER G 1 16.62 -29.47 11.07
C SER G 1 17.02 -30.45 12.15
N PHE G 2 17.58 -29.93 13.24
CA PHE G 2 18.01 -30.76 14.36
C PHE G 2 16.85 -30.88 15.35
N ILE G 3 15.72 -30.28 14.97
CA ILE G 3 14.52 -30.31 15.80
C ILE G 3 13.31 -30.47 14.90
N LYS G 4 13.48 -30.16 13.61
CA LYS G 4 12.42 -30.27 12.63
C LYS G 4 11.60 -31.55 12.80
N PRO G 5 12.27 -32.70 13.00
CA PRO G 5 11.55 -33.96 13.17
C PRO G 5 10.69 -33.98 14.44
N ILE G 6 11.19 -33.37 15.51
CA ILE G 6 10.50 -33.33 16.78
C ILE G 6 9.63 -32.07 16.93
N TYR G 7 9.28 -31.46 15.80
CA TYR G 7 8.48 -30.24 15.79
C TYR G 7 7.02 -30.47 16.20
N GLN G 8 6.37 -31.43 15.56
CA GLN G 8 4.97 -31.74 15.85
C GLN G 8 4.67 -32.00 17.32
N ASP G 9 5.69 -32.27 18.12
CA ASP G 9 5.51 -32.54 19.53
C ASP G 9 5.51 -31.27 20.38
N ILE G 10 6.57 -30.49 20.25
CA ILE G 10 6.68 -29.23 20.98
C ILE G 10 5.58 -28.30 20.52
N ASN G 11 5.21 -28.41 19.25
CA ASN G 11 4.17 -27.60 18.65
C ASN G 11 2.85 -27.74 19.38
N SER G 12 2.65 -28.89 20.02
CA SER G 12 1.40 -29.14 20.73
C SER G 12 1.48 -29.11 22.26
N ILE G 13 2.62 -28.67 22.78
CA ILE G 13 2.79 -28.57 24.23
C ILE G 13 2.87 -27.07 24.53
N LEU G 14 3.09 -26.30 23.47
CA LEU G 14 3.16 -24.86 23.57
C LEU G 14 1.73 -24.34 23.50
N ILE G 15 1.00 -24.80 22.48
CA ILE G 15 -0.38 -24.39 22.32
C ILE G 15 -1.14 -24.66 23.62
N GLY G 16 -2.00 -23.73 24.00
CA GLY G 16 -2.76 -23.91 25.22
C GLY G 16 -2.04 -23.35 26.43
N GLN G 17 -0.73 -23.55 26.49
CA GLN G 17 0.06 -23.04 27.60
C GLN G 17 -0.04 -21.52 27.60
N LYS G 18 -0.53 -20.97 28.70
CA LYS G 18 -0.69 -19.53 28.85
C LYS G 18 0.41 -18.92 29.70
N VAL G 19 0.62 -17.62 29.53
CA VAL G 19 1.63 -16.90 30.29
C VAL G 19 1.08 -15.57 30.78
N LYS G 20 0.90 -15.45 32.09
CA LYS G 20 0.36 -14.24 32.69
C LYS G 20 0.89 -12.95 32.06
N ARG G 21 0.03 -11.93 32.04
CA ARG G 21 0.39 -10.62 31.51
C ARG G 21 1.44 -9.98 32.41
N PRO G 22 2.55 -9.51 31.82
CA PRO G 22 3.62 -8.86 32.59
C PRO G 22 3.12 -7.82 33.58
N LYS G 23 3.54 -7.95 34.83
CA LYS G 23 3.14 -7.02 35.87
C LYS G 23 3.72 -5.64 35.57
N SER G 24 2.84 -4.65 35.41
CA SER G 24 3.26 -3.28 35.10
C SER G 24 3.88 -3.21 33.71
N GLY G 25 3.04 -3.10 32.69
CA GLY G 25 3.55 -3.01 31.34
C GLY G 25 2.59 -3.44 30.24
N THR G 26 3.00 -3.17 29.00
CA THR G 26 2.21 -3.51 27.83
C THR G 26 2.76 -4.84 27.30
N LEU G 27 2.74 -5.02 25.99
CA LEU G 27 3.24 -6.25 25.40
C LEU G 27 4.01 -5.98 24.12
N SER G 28 4.89 -4.97 24.16
CA SER G 28 5.69 -4.59 22.99
C SER G 28 7.11 -5.14 23.05
N GLY G 29 7.66 -5.49 21.90
CA GLY G 29 9.01 -6.01 21.83
C GLY G 29 9.36 -7.09 22.85
N HIS G 30 10.48 -6.89 23.53
CA HIS G 30 10.98 -7.83 24.54
C HIS G 30 9.94 -8.26 25.57
N ALA G 31 9.01 -7.38 25.90
CA ALA G 31 7.98 -7.66 26.90
C ALA G 31 7.13 -8.91 26.64
N ALA G 32 7.19 -9.46 25.43
CA ALA G 32 6.40 -10.64 25.11
C ALA G 32 7.20 -11.75 24.43
N GLY G 33 8.42 -11.44 24.03
CA GLY G 33 9.24 -12.44 23.36
C GLY G 33 10.01 -13.37 24.28
N GLU G 34 10.12 -12.99 25.56
CA GLU G 34 10.86 -13.79 26.53
C GLU G 34 10.04 -14.91 27.18
N PRO G 35 8.85 -14.58 27.71
CA PRO G 35 8.01 -15.61 28.34
C PRO G 35 7.70 -16.80 27.44
N PHE G 36 8.00 -16.69 26.16
CA PHE G 36 7.77 -17.79 25.24
C PHE G 36 9.11 -18.31 24.74
N GLU G 37 10.16 -17.54 25.01
CA GLU G 37 11.52 -17.92 24.63
C GLU G 37 12.02 -18.89 25.70
N LYS G 38 11.87 -18.49 26.96
CA LYS G 38 12.29 -19.31 28.08
C LYS G 38 11.31 -20.48 28.26
N LEU G 39 10.10 -20.29 27.73
CA LEU G 39 9.07 -21.32 27.82
C LEU G 39 9.42 -22.50 26.92
N VAL G 40 9.99 -22.20 25.75
CA VAL G 40 10.42 -23.23 24.82
C VAL G 40 11.69 -23.87 25.37
N TYR G 41 12.41 -23.09 26.17
CA TYR G 41 13.65 -23.54 26.79
C TYR G 41 13.37 -24.65 27.77
N LYS G 42 12.11 -24.77 28.19
CA LYS G 42 11.74 -25.81 29.13
C LYS G 42 11.76 -27.17 28.43
N PHE G 43 10.94 -27.33 27.41
CA PHE G 43 10.85 -28.58 26.65
C PHE G 43 12.15 -28.92 25.93
N LEU G 44 13.15 -28.04 26.04
CA LEU G 44 14.42 -28.26 25.39
C LEU G 44 15.50 -28.66 26.41
N LYS G 45 15.67 -27.85 27.45
CA LYS G 45 16.66 -28.11 28.49
C LYS G 45 16.16 -29.14 29.49
N GLU G 46 15.21 -29.96 29.05
CA GLU G 46 14.63 -31.01 29.88
C GLU G 46 14.45 -32.25 29.03
N ASN G 47 13.59 -32.14 28.02
CA ASN G 47 13.32 -33.26 27.11
C ASN G 47 14.58 -33.58 26.33
N LEU G 48 14.92 -32.72 25.37
CA LEU G 48 16.10 -32.92 24.54
C LEU G 48 17.30 -32.33 25.29
N SER G 49 17.42 -32.68 26.57
CA SER G 49 18.47 -32.19 27.44
C SER G 49 19.88 -32.69 27.08
N ASP G 50 20.11 -32.99 25.82
CA ASP G 50 21.41 -33.48 25.39
C ASP G 50 22.32 -32.38 24.86
N LEU G 51 21.73 -31.30 24.35
CA LEU G 51 22.52 -30.20 23.81
C LEU G 51 21.76 -28.88 23.70
N THR G 52 20.92 -28.60 24.68
CA THR G 52 20.15 -27.36 24.67
C THR G 52 20.62 -26.36 25.71
N PHE G 53 21.02 -25.19 25.24
CA PHE G 53 21.48 -24.12 26.11
C PHE G 53 21.63 -22.82 25.32
N LYS G 54 21.32 -21.69 25.96
CA LYS G 54 21.40 -20.39 25.31
C LYS G 54 22.77 -20.12 24.69
N GLN G 55 22.90 -19.01 23.96
CA GLN G 55 24.17 -18.67 23.32
C GLN G 55 25.29 -18.41 24.33
N TYR G 56 24.95 -17.69 25.40
CA TYR G 56 25.93 -17.37 26.42
C TYR G 56 26.27 -18.64 27.23
N GLU G 57 25.28 -19.52 27.37
CA GLU G 57 25.45 -20.76 28.10
C GLU G 57 26.40 -21.72 27.41
N TYR G 58 26.46 -21.67 26.08
CA TYR G 58 27.34 -22.56 25.34
C TYR G 58 28.79 -22.24 25.64
N LEU G 59 29.29 -21.15 25.06
CA LEU G 59 30.66 -20.75 25.28
C LEU G 59 31.03 -20.59 26.75
N ASN G 60 30.01 -20.45 27.61
CA ASN G 60 30.27 -20.32 29.04
C ASN G 60 30.76 -21.67 29.56
N ASP G 61 30.36 -22.73 28.87
CA ASP G 61 30.76 -24.08 29.24
C ASP G 61 32.03 -24.44 28.48
N LEU G 62 32.09 -24.04 27.21
CA LEU G 62 33.26 -24.29 26.37
C LEU G 62 34.48 -23.63 27.00
N PHE G 63 34.30 -22.42 27.50
CA PHE G 63 35.37 -21.67 28.16
C PHE G 63 35.55 -22.14 29.60
N MET G 64 34.86 -23.21 29.95
CA MET G 64 34.96 -23.77 31.29
C MET G 64 35.58 -25.14 31.15
N LYS G 65 35.46 -25.71 29.96
CA LYS G 65 36.01 -27.03 29.67
C LYS G 65 37.43 -26.89 29.11
N ASN G 66 37.97 -25.68 29.19
CA ASN G 66 39.32 -25.43 28.71
C ASN G 66 40.11 -24.52 29.64
N PRO G 67 40.24 -24.92 30.91
CA PRO G 67 40.99 -24.10 31.89
C PRO G 67 42.46 -23.92 31.54
N ALA G 68 42.84 -24.37 30.35
CA ALA G 68 44.22 -24.25 29.90
C ALA G 68 44.38 -22.98 29.08
N ILE G 69 43.61 -22.87 28.00
CA ILE G 69 43.67 -21.70 27.14
C ILE G 69 43.38 -20.43 27.96
N ILE G 70 43.82 -19.27 27.46
CA ILE G 70 43.59 -18.01 28.16
C ILE G 70 43.92 -16.81 27.27
N GLY G 71 43.19 -15.72 27.47
CA GLY G 71 43.41 -14.52 26.68
C GLY G 71 42.79 -14.59 25.29
N HIS G 72 42.60 -13.44 24.64
CA HIS G 72 42.02 -13.43 23.32
C HIS G 72 42.95 -14.12 22.33
N GLU G 73 42.43 -14.36 21.11
CA GLU G 73 43.19 -15.05 20.08
C GLU G 73 43.31 -16.53 20.43
N ALA G 74 43.79 -16.80 21.64
CA ALA G 74 43.94 -18.18 22.12
C ALA G 74 42.54 -18.75 22.34
N ARG G 75 41.67 -17.93 22.94
CA ARG G 75 40.30 -18.32 23.20
C ARG G 75 39.50 -18.22 21.89
N TYR G 76 40.00 -17.40 20.98
CA TYR G 76 39.36 -17.22 19.68
C TYR G 76 39.71 -18.42 18.81
N LYS G 77 40.37 -19.40 19.43
CA LYS G 77 40.76 -20.61 18.75
C LYS G 77 39.74 -21.72 18.99
N LEU G 78 39.06 -21.65 20.13
CA LEU G 78 38.05 -22.65 20.48
C LEU G 78 36.87 -22.62 19.52
N PHE G 79 36.74 -21.54 18.76
CA PHE G 79 35.67 -21.41 17.79
C PHE G 79 36.19 -21.64 16.38
N ASN G 80 36.32 -22.91 16.01
CA ASN G 80 36.81 -23.29 14.68
C ASN G 80 36.03 -22.52 13.61
N SER G 81 36.71 -22.23 12.50
CA SER G 81 36.10 -21.50 11.38
C SER G 81 35.77 -20.06 11.75
N PRO G 82 36.42 -19.09 11.08
CA PRO G 82 36.18 -17.67 11.34
C PRO G 82 34.70 -17.31 11.30
N THR G 83 33.99 -17.89 10.34
CA THR G 83 32.57 -17.62 10.17
C THR G 83 31.77 -17.86 11.44
N LEU G 84 31.86 -19.08 11.99
CA LEU G 84 31.13 -19.40 13.20
C LEU G 84 31.53 -18.53 14.38
N LEU G 85 32.71 -17.91 14.27
CA LEU G 85 33.18 -17.04 15.34
C LEU G 85 32.40 -15.74 15.26
N PHE G 86 32.32 -15.19 14.06
CA PHE G 86 31.60 -13.95 13.79
C PHE G 86 30.14 -13.95 14.25
N LEU G 87 29.60 -15.13 14.55
CA LEU G 87 28.20 -15.21 14.96
C LEU G 87 27.94 -15.67 16.40
N LEU G 88 28.89 -16.35 17.02
CA LEU G 88 28.69 -16.83 18.38
C LEU G 88 29.74 -16.35 19.37
N SER G 89 30.82 -15.77 18.86
CA SER G 89 31.90 -15.30 19.72
C SER G 89 31.47 -14.15 20.62
N ARG G 90 32.44 -13.40 21.11
CA ARG G 90 32.19 -12.26 21.98
C ARG G 90 33.12 -11.15 21.52
N GLY G 91 32.86 -9.92 21.95
CA GLY G 91 33.69 -8.80 21.56
C GLY G 91 35.16 -8.96 21.89
N LYS G 92 36.01 -8.39 21.04
CA LYS G 92 37.45 -8.46 21.24
C LYS G 92 37.78 -7.82 22.58
N ALA G 93 36.94 -6.88 23.00
CA ALA G 93 37.14 -6.18 24.25
C ALA G 93 36.93 -7.15 25.42
N ALA G 94 35.76 -7.07 26.06
CA ALA G 94 35.45 -7.94 27.19
C ALA G 94 35.54 -9.40 26.77
N THR G 95 36.39 -10.14 27.48
CA THR G 95 36.60 -11.56 27.22
C THR G 95 37.54 -12.12 28.28
N GLU G 96 38.59 -11.35 28.58
CA GLU G 96 39.57 -11.74 29.58
C GLU G 96 38.99 -11.45 30.96
N ASN G 97 37.73 -11.80 31.14
CA ASN G 97 37.04 -11.58 32.41
C ASN G 97 36.31 -12.85 32.80
N TRP G 98 36.80 -13.99 32.30
CA TRP G 98 36.20 -15.27 32.59
C TRP G 98 36.65 -15.82 33.94
N SER G 99 35.69 -16.29 34.73
CA SER G 99 35.98 -16.84 36.05
C SER G 99 34.75 -17.53 36.64
N ILE G 100 34.97 -18.30 37.71
CA ILE G 100 33.87 -19.00 38.37
C ILE G 100 33.02 -17.96 39.10
N GLU G 101 33.61 -16.80 39.35
CA GLU G 101 32.92 -15.70 40.03
C GLU G 101 32.37 -14.75 38.97
N ASN G 102 33.10 -14.63 37.86
CA ASN G 102 32.70 -13.77 36.76
C ASN G 102 32.54 -14.60 35.48
N LEU G 103 31.36 -15.20 35.33
CA LEU G 103 31.06 -16.03 34.17
C LEU G 103 30.13 -15.30 33.19
N PHE G 104 30.11 -15.77 31.95
CA PHE G 104 29.29 -15.17 30.90
C PHE G 104 27.82 -14.99 31.27
N GLU G 105 27.13 -14.19 30.46
CA GLU G 105 25.71 -13.92 30.64
C GLU G 105 25.10 -13.44 29.31
N GLU G 106 23.77 -13.49 29.22
CA GLU G 106 23.07 -13.10 28.01
C GLU G 106 23.39 -11.68 27.53
N LYS G 107 23.62 -11.55 26.23
CA LYS G 107 23.91 -10.26 25.64
C LYS G 107 22.78 -9.89 24.69
N GLN G 108 22.12 -8.76 24.97
CA GLN G 108 20.99 -8.29 24.18
C GLN G 108 21.06 -8.53 22.68
N ASN G 109 22.24 -8.38 22.08
CA ASN G 109 22.36 -8.58 20.64
C ASN G 109 22.90 -9.96 20.23
N ASP G 110 22.66 -10.97 21.05
CA ASP G 110 23.11 -12.33 20.74
C ASP G 110 22.34 -12.83 19.52
N THR G 111 23.08 -13.17 18.47
CA THR G 111 22.49 -13.65 17.23
C THR G 111 21.34 -14.66 17.37
N ALA G 112 21.40 -15.52 18.39
CA ALA G 112 20.35 -16.51 18.59
C ALA G 112 19.90 -16.63 20.04
N ASP G 113 18.72 -17.21 20.23
CA ASP G 113 18.14 -17.39 21.56
C ASP G 113 18.59 -18.70 22.19
N ILE G 114 18.45 -19.78 21.43
CA ILE G 114 18.82 -21.11 21.90
C ILE G 114 19.67 -21.81 20.83
N LEU G 115 20.56 -22.70 21.25
CA LEU G 115 21.42 -23.41 20.31
C LEU G 115 21.73 -24.85 20.71
N LEU G 116 21.69 -25.76 19.74
CA LEU G 116 21.97 -27.16 19.97
C LEU G 116 23.20 -27.58 19.17
N VAL G 117 24.22 -28.08 19.88
CA VAL G 117 25.47 -28.48 19.26
C VAL G 117 25.76 -29.98 19.34
N LYS G 118 26.27 -30.53 18.24
CA LYS G 118 26.62 -31.95 18.12
C LYS G 118 27.30 -32.18 16.77
N ASP G 119 28.39 -32.94 16.76
CA ASP G 119 29.12 -33.22 15.52
C ASP G 119 29.59 -31.91 14.89
N GLN G 120 30.01 -30.97 15.72
CA GLN G 120 30.47 -29.67 15.25
C GLN G 120 29.36 -28.96 14.48
N PHE G 121 28.17 -29.55 14.49
CA PHE G 121 27.02 -28.95 13.82
C PHE G 121 26.20 -28.17 14.83
N TYR G 122 26.14 -26.86 14.64
CA TYR G 122 25.40 -26.00 15.55
C TYR G 122 24.04 -25.61 15.00
N GLU G 123 23.06 -25.52 15.90
CA GLU G 123 21.71 -25.15 15.52
C GLU G 123 21.35 -23.88 16.27
N LEU G 124 21.44 -22.74 15.58
CA LEU G 124 21.12 -21.45 16.19
C LEU G 124 19.64 -21.16 15.99
N LEU G 125 18.82 -21.43 17.00
CA LEU G 125 17.40 -21.19 16.90
C LEU G 125 17.06 -19.81 17.45
N ASP G 126 16.02 -19.19 16.87
CA ASP G 126 15.59 -17.88 17.28
C ASP G 126 14.06 -17.87 17.40
N VAL G 127 13.57 -17.67 18.61
CA VAL G 127 12.14 -17.66 18.89
C VAL G 127 11.44 -16.34 18.59
N LYS G 128 10.42 -16.39 17.73
CA LYS G 128 9.64 -15.21 17.38
C LYS G 128 8.26 -15.25 18.05
N THR G 129 7.69 -14.09 18.31
CA THR G 129 6.37 -14.05 18.93
C THR G 129 5.49 -13.07 18.15
N ARG G 130 4.41 -13.60 17.58
CA ARG G 130 3.48 -12.79 16.79
C ARG G 130 2.12 -12.65 17.45
N ASN G 131 1.80 -11.43 17.89
CA ASN G 131 0.51 -11.18 18.52
C ASN G 131 -0.56 -11.36 17.44
N ILE G 132 -1.34 -12.42 17.58
CA ILE G 132 -2.40 -12.78 16.63
C ILE G 132 -3.63 -11.87 16.68
N SER G 133 -3.92 -11.33 17.86
CA SER G 133 -5.07 -10.47 18.09
C SER G 133 -5.19 -9.36 17.05
N LYS G 134 -4.16 -9.19 16.23
CA LYS G 134 -4.18 -8.14 15.23
C LYS G 134 -3.15 -8.36 14.14
N SER G 135 -3.46 -7.90 12.94
CA SER G 135 -2.56 -8.00 11.81
C SER G 135 -1.40 -7.12 12.17
N ALA G 136 -0.22 -7.39 11.62
CA ALA G 136 0.95 -6.58 11.90
C ALA G 136 2.09 -6.89 10.96
N GLN G 137 2.81 -5.84 10.61
CA GLN G 137 3.97 -5.93 9.73
C GLN G 137 4.93 -7.05 10.18
N ALA G 138 5.74 -7.55 9.24
CA ALA G 138 6.70 -8.61 9.55
C ALA G 138 7.77 -8.04 10.45
N PRO G 139 8.16 -8.80 11.49
CA PRO G 139 9.18 -8.42 12.47
C PRO G 139 10.63 -8.58 11.96
N ASN G 140 11.59 -8.17 12.78
CA ASN G 140 12.99 -8.31 12.41
C ASN G 140 13.37 -9.77 12.71
N ILE G 141 14.23 -10.36 11.89
CA ILE G 141 14.68 -11.72 12.13
C ILE G 141 16.14 -11.64 12.57
N ILE G 142 16.95 -11.06 11.69
CA ILE G 142 18.39 -10.86 11.90
C ILE G 142 18.80 -9.78 10.91
N SER G 143 19.97 -9.19 11.12
CA SER G 143 20.46 -8.13 10.26
C SER G 143 20.89 -8.60 8.88
N ALA G 144 20.57 -7.81 7.86
CA ALA G 144 20.94 -8.14 6.49
C ALA G 144 22.45 -7.95 6.35
N TYR G 145 22.93 -6.78 6.74
CA TYR G 145 24.35 -6.45 6.70
C TYR G 145 25.13 -7.51 7.48
N LYS G 146 24.59 -7.95 8.61
CA LYS G 146 25.25 -8.97 9.41
C LYS G 146 25.21 -10.34 8.75
N LEU G 147 24.09 -10.65 8.10
CA LEU G 147 23.96 -11.93 7.41
C LEU G 147 24.91 -11.91 6.22
N ALA G 148 24.93 -10.76 5.52
CA ALA G 148 25.79 -10.59 4.36
C ALA G 148 27.24 -10.95 4.69
N GLN G 149 27.71 -10.45 5.82
CA GLN G 149 29.07 -10.72 6.28
C GLN G 149 29.18 -12.21 6.53
N THR G 150 28.15 -12.78 7.16
CA THR G 150 28.14 -14.21 7.47
C THR G 150 28.29 -15.06 6.21
N CYS G 151 27.92 -14.48 5.07
CA CYS G 151 28.01 -15.17 3.78
C CYS G 151 29.42 -15.12 3.21
N ALA G 152 30.05 -13.96 3.30
CA ALA G 152 31.40 -13.80 2.79
C ALA G 152 32.33 -14.73 3.58
N LYS G 153 32.15 -14.75 4.90
CA LYS G 153 32.95 -15.59 5.78
C LYS G 153 32.81 -17.07 5.44
N MET G 154 31.59 -17.47 5.07
CA MET G 154 31.34 -18.86 4.73
C MET G 154 32.07 -19.32 3.47
N ILE G 155 32.16 -18.45 2.47
CA ILE G 155 32.84 -18.79 1.22
C ILE G 155 34.34 -18.47 1.26
N ASP G 156 34.72 -17.57 2.15
CA ASP G 156 36.12 -17.19 2.30
C ASP G 156 36.90 -18.31 2.98
N ASN G 157 36.18 -19.36 3.34
CA ASN G 157 36.76 -20.52 4.00
C ASN G 157 36.40 -21.79 3.24
N LYS G 158 35.61 -21.65 2.18
CA LYS G 158 35.18 -22.80 1.39
C LYS G 158 34.48 -23.82 2.28
N GLU G 159 34.03 -23.37 3.46
CA GLU G 159 33.34 -24.23 4.41
C GLU G 159 31.90 -23.76 4.63
N PHE G 160 30.96 -24.50 4.08
CA PHE G 160 29.55 -24.18 4.22
C PHE G 160 28.90 -25.01 5.31
N ASP G 161 28.96 -26.33 5.14
CA ASP G 161 28.39 -27.26 6.10
C ASP G 161 29.06 -27.08 7.46
N LEU G 162 28.29 -26.67 8.47
CA LEU G 162 28.83 -26.46 9.81
C LEU G 162 27.73 -26.13 10.83
N PHE G 163 26.84 -25.21 10.46
CA PHE G 163 25.75 -24.81 11.34
C PHE G 163 24.51 -24.48 10.53
N ASP G 164 23.45 -24.09 11.23
CA ASP G 164 22.19 -23.72 10.60
C ASP G 164 21.40 -22.79 11.51
N ILE G 165 20.69 -21.83 10.92
CA ILE G 165 19.88 -20.90 11.70
C ILE G 165 18.42 -20.99 11.26
N ASN G 166 17.62 -21.62 12.11
CA ASN G 166 16.20 -21.82 11.85
C ASN G 166 15.35 -20.99 12.81
N TYR G 167 14.12 -20.68 12.39
CA TYR G 167 13.21 -19.86 13.20
C TYR G 167 11.89 -20.53 13.62
N LEU G 168 11.47 -20.25 14.85
CA LEU G 168 10.24 -20.81 15.40
C LEU G 168 9.23 -19.73 15.83
N GLU G 169 8.17 -19.57 15.04
CA GLU G 169 7.13 -18.58 15.33
C GLU G 169 6.18 -19.08 16.41
N VAL G 170 6.04 -18.33 17.49
CA VAL G 170 5.16 -18.71 18.58
C VAL G 170 4.00 -17.71 18.68
N ASP G 171 2.90 -18.03 18.02
CA ASP G 171 1.70 -17.20 18.00
C ASP G 171 0.97 -17.21 19.34
N TRP G 172 0.54 -16.05 19.79
CA TRP G 172 -0.18 -15.98 21.05
C TRP G 172 -1.36 -15.02 20.98
N GLU G 173 -2.45 -15.40 21.64
CA GLU G 173 -3.66 -14.60 21.70
C GLU G 173 -3.82 -14.13 23.13
N LEU G 174 -4.48 -13.00 23.32
CA LEU G 174 -4.69 -12.46 24.65
C LEU G 174 -6.03 -12.94 25.18
N ASN G 175 -5.98 -13.91 26.09
CA ASN G 175 -7.17 -14.49 26.71
C ASN G 175 -7.03 -14.28 28.21
N GLY G 176 -7.83 -13.38 28.77
CA GLY G 176 -7.76 -13.13 30.20
C GLY G 176 -6.41 -12.52 30.56
N GLU G 177 -5.98 -12.73 31.80
CA GLU G 177 -4.71 -12.19 32.27
C GLU G 177 -3.52 -13.05 31.88
N ASP G 178 -3.67 -13.82 30.81
CA ASP G 178 -2.60 -14.70 30.36
C ASP G 178 -2.42 -14.61 28.85
N LEU G 179 -1.23 -14.97 28.39
CA LEU G 179 -0.94 -14.98 26.96
C LEU G 179 -0.95 -16.43 26.53
N VAL G 180 -2.08 -16.88 26.01
CA VAL G 180 -2.23 -18.26 25.55
C VAL G 180 -1.67 -18.43 24.14
N CYS G 181 -0.85 -19.46 23.94
CA CYS G 181 -0.31 -19.72 22.62
C CYS G 181 -1.43 -20.34 21.79
N VAL G 182 -1.48 -20.03 20.50
CA VAL G 182 -2.52 -20.59 19.67
C VAL G 182 -1.96 -21.41 18.51
N SER G 183 -0.75 -21.06 18.09
CA SER G 183 -0.14 -21.78 16.98
C SER G 183 1.37 -21.70 16.98
N THR G 184 1.96 -22.27 15.93
CA THR G 184 3.40 -22.28 15.79
C THR G 184 3.72 -22.29 14.30
N SER G 185 5.00 -22.26 13.99
CA SER G 185 5.47 -22.26 12.62
C SER G 185 6.98 -22.49 12.67
N PHE G 186 7.54 -22.98 11.57
CA PHE G 186 8.98 -23.26 11.51
C PHE G 186 9.49 -23.18 10.07
N ALA G 187 10.44 -22.28 9.86
CA ALA G 187 11.04 -22.09 8.55
C ALA G 187 12.53 -21.84 8.74
N GLU G 188 13.33 -22.75 8.22
CA GLU G 188 14.79 -22.64 8.33
C GLU G 188 15.28 -21.60 7.32
N LEU G 189 16.14 -20.69 7.76
CA LEU G 189 16.65 -19.65 6.89
C LEU G 189 17.32 -20.20 5.63
N PHE G 190 18.20 -21.18 5.83
CA PHE G 190 18.93 -21.80 4.73
C PHE G 190 18.08 -22.83 4.00
N LYS G 191 16.86 -22.45 3.67
CA LYS G 191 15.93 -23.32 2.96
C LYS G 191 15.00 -22.45 2.11
N SER G 192 15.14 -21.14 2.25
CA SER G 192 14.33 -20.19 1.50
C SER G 192 15.13 -19.61 0.34
N GLU G 193 14.52 -18.67 -0.38
CA GLU G 193 15.17 -18.03 -1.53
C GLU G 193 15.79 -16.72 -1.08
N PRO G 194 17.13 -16.59 -1.22
CA PRO G 194 17.80 -15.36 -0.82
C PRO G 194 17.37 -14.09 -1.58
N SER G 195 17.48 -14.12 -2.91
CA SER G 195 17.11 -12.98 -3.74
C SER G 195 15.71 -12.42 -3.43
N GLU G 196 14.88 -13.23 -2.75
CA GLU G 196 13.53 -12.82 -2.41
C GLU G 196 13.53 -11.95 -1.15
N LEU G 197 13.95 -12.53 -0.03
CA LEU G 197 14.00 -11.85 1.26
C LEU G 197 14.01 -10.33 1.19
N TYR G 198 13.08 -9.70 1.91
CA TYR G 198 12.99 -8.25 1.93
C TYR G 198 13.81 -7.64 3.06
N ILE G 199 14.65 -6.68 2.72
CA ILE G 199 15.48 -6.01 3.71
C ILE G 199 14.93 -4.63 4.03
N ASN G 200 14.60 -4.43 5.31
CA ASN G 200 14.08 -3.14 5.75
C ASN G 200 15.22 -2.33 6.32
N TRP G 201 15.91 -1.61 5.43
CA TRP G 201 17.05 -0.80 5.80
C TRP G 201 16.80 0.11 7.01
N ALA G 202 15.79 0.97 6.94
CA ALA G 202 15.50 1.87 8.04
C ALA G 202 15.36 1.13 9.37
N ALA G 203 14.83 -0.09 9.33
CA ALA G 203 14.65 -0.85 10.55
C ALA G 203 15.87 -1.69 10.91
N ALA G 204 16.98 -1.02 11.18
CA ALA G 204 18.22 -1.71 11.54
C ALA G 204 18.67 -2.63 10.40
N MET G 205 18.34 -2.26 9.17
CA MET G 205 18.71 -3.03 8.00
C MET G 205 18.23 -4.48 8.14
N GLN G 206 17.30 -4.72 9.05
CA GLN G 206 16.76 -6.06 9.30
C GLN G 206 16.08 -6.63 8.06
N ILE G 207 16.33 -7.91 7.80
CA ILE G 207 15.74 -8.57 6.64
C ILE G 207 14.45 -9.29 7.05
N GLN G 208 13.37 -8.51 7.13
CA GLN G 208 12.04 -8.95 7.57
C GLN G 208 11.16 -9.93 6.77
N PHE G 209 10.38 -10.70 7.52
CA PHE G 209 9.43 -11.67 6.98
C PHE G 209 8.72 -12.39 8.13
N HIS G 210 7.57 -13.00 7.83
CA HIS G 210 6.84 -13.75 8.85
C HIS G 210 7.28 -15.19 8.71
N VAL G 211 7.58 -15.84 9.84
CA VAL G 211 8.02 -17.22 9.82
C VAL G 211 7.03 -18.09 9.05
N ARG G 212 5.76 -17.94 9.39
CA ARG G 212 4.68 -18.69 8.75
C ARG G 212 4.53 -18.41 7.24
N ASP G 213 4.90 -17.20 6.82
CA ASP G 213 4.80 -16.79 5.42
C ASP G 213 6.05 -17.12 4.60
N LEU G 214 7.12 -17.49 5.28
CA LEU G 214 8.38 -17.79 4.60
C LEU G 214 8.37 -19.02 3.71
N ASP G 215 8.87 -18.86 2.48
CA ASP G 215 8.96 -19.93 1.51
C ASP G 215 10.18 -20.84 1.78
N GLN G 216 9.95 -22.15 1.78
CA GLN G 216 11.01 -23.11 2.05
C GLN G 216 11.36 -23.91 0.81
N GLY G 217 11.15 -23.32 -0.37
CA GLY G 217 11.45 -24.01 -1.61
C GLY G 217 12.76 -23.66 -2.26
N PHE G 218 13.86 -24.13 -1.69
CA PHE G 218 15.18 -23.86 -2.25
C PHE G 218 15.97 -25.15 -2.48
N ASN G 219 16.51 -25.29 -3.69
CA ASN G 219 17.29 -26.46 -4.04
C ASN G 219 18.71 -26.01 -4.37
N GLY G 220 19.67 -26.52 -3.61
CA GLY G 220 21.07 -26.17 -3.84
C GLY G 220 21.91 -26.24 -2.58
N THR G 221 23.22 -26.37 -2.76
CA THR G 221 24.15 -26.44 -1.63
C THR G 221 24.17 -25.08 -0.93
N ARG G 222 24.64 -25.05 0.32
CA ARG G 222 24.69 -23.79 1.04
C ARG G 222 25.51 -22.72 0.31
N GLU G 223 26.23 -23.15 -0.71
CA GLU G 223 27.08 -22.26 -1.50
C GLU G 223 26.25 -21.29 -2.35
N GLU G 224 25.18 -21.78 -2.96
CA GLU G 224 24.31 -20.96 -3.80
C GLU G 224 23.55 -19.91 -2.99
N TRP G 225 23.10 -20.30 -1.80
CA TRP G 225 22.37 -19.39 -0.92
C TRP G 225 23.24 -18.17 -0.63
N ALA G 226 24.44 -18.42 -0.11
CA ALA G 226 25.38 -17.35 0.22
C ALA G 226 25.76 -16.54 -1.01
N LYS G 227 26.12 -17.21 -2.09
CA LYS G 227 26.51 -16.54 -3.32
C LYS G 227 25.42 -15.59 -3.80
N SER G 228 24.21 -16.11 -3.95
CA SER G 228 23.07 -15.32 -4.42
C SER G 228 22.57 -14.34 -3.36
N TYR G 229 22.81 -14.64 -2.09
CA TYR G 229 22.37 -13.76 -1.02
C TYR G 229 23.10 -12.41 -1.10
N LEU G 230 24.42 -12.45 -1.26
CA LEU G 230 25.20 -11.23 -1.36
C LEU G 230 24.75 -10.46 -2.59
N LYS G 231 24.38 -11.19 -3.64
CA LYS G 231 23.90 -10.56 -4.87
C LYS G 231 22.76 -9.62 -4.53
N HIS G 232 21.68 -10.19 -4.00
CA HIS G 232 20.50 -9.44 -3.63
C HIS G 232 20.81 -8.35 -2.60
N PHE G 233 21.59 -8.67 -1.59
CA PHE G 233 21.93 -7.70 -0.56
C PHE G 233 22.65 -6.49 -1.14
N VAL G 234 23.74 -6.72 -1.85
CA VAL G 234 24.48 -5.62 -2.45
C VAL G 234 23.52 -4.78 -3.28
N THR G 235 22.99 -5.38 -4.34
CA THR G 235 22.06 -4.70 -5.23
C THR G 235 21.06 -3.82 -4.50
N GLN G 236 20.53 -4.32 -3.38
CA GLN G 236 19.56 -3.55 -2.59
C GLN G 236 20.23 -2.37 -1.91
N ALA G 237 21.41 -2.60 -1.34
CA ALA G 237 22.16 -1.55 -0.67
C ALA G 237 22.42 -0.43 -1.67
N GLU G 238 22.52 -0.81 -2.93
CA GLU G 238 22.76 0.15 -4.00
C GLU G 238 21.52 1.02 -4.16
N GLN G 239 20.37 0.39 -4.29
CA GLN G 239 19.12 1.11 -4.47
C GLN G 239 18.74 1.93 -3.25
N ARG G 240 18.84 1.33 -2.06
CA ARG G 240 18.52 2.03 -0.82
C ARG G 240 19.25 3.37 -0.78
N ALA G 241 20.51 3.35 -1.22
CA ALA G 241 21.35 4.54 -1.23
C ALA G 241 20.68 5.73 -1.90
N ILE G 242 20.27 5.55 -3.15
CA ILE G 242 19.62 6.62 -3.90
C ILE G 242 18.18 6.78 -3.40
N SER G 243 17.63 5.68 -2.92
CA SER G 243 16.26 5.66 -2.40
C SER G 243 16.12 6.69 -1.28
N MET G 244 17.17 6.81 -0.46
CA MET G 244 17.18 7.76 0.65
C MET G 244 17.11 9.20 0.16
N ILE G 245 17.53 9.42 -1.07
CA ILE G 245 17.56 10.75 -1.64
C ILE G 245 16.18 11.34 -1.95
N ASP G 246 15.44 10.69 -2.84
CA ASP G 246 14.12 11.14 -3.25
C ASP G 246 13.10 11.15 -2.11
N LYS G 247 13.50 10.64 -0.96
CA LYS G 247 12.61 10.58 0.20
C LYS G 247 13.05 11.52 1.30
N PHE G 248 14.35 11.58 1.57
CA PHE G 248 14.89 12.42 2.64
C PHE G 248 15.60 13.71 2.20
N VAL G 249 15.86 13.86 0.90
CA VAL G 249 16.55 15.05 0.41
C VAL G 249 15.62 16.06 -0.27
N LYS G 250 15.16 15.72 -1.47
CA LYS G 250 14.28 16.58 -2.26
C LYS G 250 13.06 17.12 -1.52
N PRO G 251 12.33 16.24 -0.81
CA PRO G 251 11.15 16.69 -0.07
C PRO G 251 11.42 17.81 0.95
N PHE G 252 12.68 18.00 1.31
CA PHE G 252 13.05 19.03 2.27
C PHE G 252 14.04 20.01 1.68
N LYS G 253 14.42 19.78 0.43
CA LYS G 253 15.37 20.65 -0.27
C LYS G 253 14.88 22.10 -0.32
N LYS G 254 13.58 22.28 -0.53
CA LYS G 254 12.99 23.62 -0.59
C LYS G 254 12.84 24.27 0.78
N TYR G 255 13.78 23.99 1.68
CA TYR G 255 13.77 24.56 3.03
C TYR G 255 15.19 25.02 3.39
N ILE G 256 16.09 24.89 2.44
CA ILE G 256 17.49 25.26 2.61
C ILE G 256 17.71 26.61 3.28
N LEU G 257 18.79 26.72 4.05
CA LEU G 257 19.13 27.96 4.75
C LEU G 257 20.60 28.30 4.49
N SER H 1 7.69 24.19 28.86
CA SER H 1 8.04 23.06 29.75
C SER H 1 7.53 23.24 31.18
N PHE H 2 6.31 22.77 31.42
CA PHE H 2 5.68 22.86 32.73
C PHE H 2 6.38 21.93 33.71
N ILE H 3 7.37 21.19 33.20
CA ILE H 3 8.12 20.25 34.01
C ILE H 3 9.32 20.91 34.68
N LYS H 4 10.04 21.73 33.91
CA LYS H 4 11.23 22.43 34.41
C LYS H 4 11.01 23.16 35.74
N PRO H 5 9.89 23.88 35.89
CA PRO H 5 9.62 24.60 37.14
C PRO H 5 9.32 23.73 38.36
N ILE H 6 9.45 22.42 38.20
CA ILE H 6 9.21 21.49 39.29
C ILE H 6 10.10 20.27 39.13
N TYR H 7 11.27 20.48 38.54
CA TYR H 7 12.22 19.40 38.31
C TYR H 7 12.94 18.96 39.59
N GLN H 8 13.41 19.93 40.36
CA GLN H 8 14.11 19.63 41.60
C GLN H 8 13.22 18.88 42.58
N ASP H 9 11.91 19.04 42.39
CA ASP H 9 10.92 18.39 43.24
C ASP H 9 10.69 16.94 42.82
N ILE H 10 10.31 16.74 41.57
CA ILE H 10 10.06 15.41 41.02
C ILE H 10 11.30 14.52 41.06
N ASN H 11 12.48 15.13 40.95
CA ASN H 11 13.73 14.37 40.97
C ASN H 11 13.96 13.75 42.35
N SER H 12 13.82 14.56 43.39
CA SER H 12 14.01 14.10 44.75
C SER H 12 13.13 12.89 45.01
N ILE H 13 11.89 12.97 44.55
CA ILE H 13 10.92 11.90 44.72
C ILE H 13 11.45 10.58 44.16
N LEU H 14 11.74 10.58 42.87
CA LEU H 14 12.23 9.40 42.17
C LEU H 14 13.41 8.71 42.84
N ILE H 15 14.45 9.48 43.15
CA ILE H 15 15.65 8.92 43.77
C ILE H 15 15.31 8.02 44.96
N GLY H 16 16.09 6.95 45.10
CA GLY H 16 15.87 6.03 46.20
C GLY H 16 14.58 5.23 46.07
N GLN H 17 14.10 5.06 44.86
CA GLN H 17 12.89 4.29 44.62
C GLN H 17 13.15 3.01 43.84
N LYS H 18 12.88 1.88 44.48
CA LYS H 18 13.07 0.59 43.84
C LYS H 18 11.82 0.26 43.03
N VAL H 19 11.73 -0.97 42.54
CA VAL H 19 10.58 -1.41 41.77
C VAL H 19 10.32 -2.90 41.99
N LYS H 20 10.76 -3.73 41.04
CA LYS H 20 10.59 -5.17 41.11
C LYS H 20 10.90 -5.72 39.73
N ARG H 21 12.15 -6.12 39.51
CA ARG H 21 12.56 -6.66 38.22
C ARG H 21 11.60 -7.73 37.73
N PRO H 22 11.40 -7.80 36.40
CA PRO H 22 10.49 -8.80 35.82
C PRO H 22 10.90 -10.23 36.16
N LYS H 23 9.93 -11.03 36.62
CA LYS H 23 10.18 -12.42 36.99
C LYS H 23 10.56 -13.26 35.79
N SER H 24 11.71 -13.93 35.87
CA SER H 24 12.20 -14.76 34.80
C SER H 24 12.10 -14.06 33.45
N GLY H 25 12.98 -13.10 33.24
CA GLY H 25 12.99 -12.36 31.99
C GLY H 25 14.04 -11.28 32.00
N THR H 26 14.78 -11.15 30.90
CA THR H 26 15.82 -10.14 30.80
C THR H 26 15.23 -8.74 30.99
N LEU H 27 16.09 -7.74 30.96
CA LEU H 27 15.66 -6.35 31.13
C LEU H 27 16.05 -5.51 29.92
N SER H 28 16.86 -6.09 29.05
CA SER H 28 17.34 -5.40 27.86
C SER H 28 16.23 -5.15 26.84
N GLY H 29 15.61 -3.97 26.90
CA GLY H 29 14.56 -3.66 25.96
C GLY H 29 13.35 -2.92 26.50
N HIS H 30 12.19 -3.23 25.95
CA HIS H 30 10.95 -2.59 26.36
C HIS H 30 10.63 -2.85 27.82
N ALA H 31 11.14 -3.96 28.36
CA ALA H 31 10.90 -4.32 29.76
C ALA H 31 11.90 -3.66 30.71
N ALA H 32 12.74 -2.79 30.16
CA ALA H 32 13.73 -2.09 30.97
C ALA H 32 13.11 -1.15 31.98
N GLY H 33 12.67 0.02 31.52
CA GLY H 33 12.09 0.99 32.43
C GLY H 33 10.62 1.32 32.19
N GLU H 34 9.80 0.31 31.98
CA GLU H 34 8.37 0.54 31.77
C GLU H 34 7.73 0.94 33.11
N PRO H 35 8.09 0.23 34.20
CA PRO H 35 7.53 0.54 35.52
C PRO H 35 7.85 1.97 35.98
N PHE H 36 9.06 2.42 35.68
CA PHE H 36 9.48 3.76 36.05
C PHE H 36 8.65 4.80 35.29
N GLU H 37 8.37 4.50 34.02
CA GLU H 37 7.58 5.39 33.17
C GLU H 37 6.30 5.76 33.91
N LYS H 38 5.66 4.75 34.50
CA LYS H 38 4.42 4.95 35.24
C LYS H 38 4.68 5.71 36.54
N LEU H 39 5.87 5.53 37.10
CA LEU H 39 6.23 6.21 38.34
C LEU H 39 6.32 7.71 38.10
N VAL H 40 6.81 8.09 36.92
CA VAL H 40 6.92 9.50 36.57
C VAL H 40 5.53 10.07 36.32
N TYR H 41 4.60 9.19 35.96
CA TYR H 41 3.21 9.57 35.70
C TYR H 41 2.49 9.72 37.04
N LYS H 42 2.65 8.72 37.89
CA LYS H 42 2.03 8.71 39.21
C LYS H 42 2.10 10.07 39.91
N PHE H 43 3.32 10.54 40.16
CA PHE H 43 3.50 11.81 40.85
C PHE H 43 3.15 13.03 40.00
N LEU H 44 3.32 12.94 38.68
CA LEU H 44 2.96 14.07 37.83
C LEU H 44 1.45 14.16 37.77
N LYS H 45 0.79 13.10 38.24
CA LYS H 45 -0.66 13.04 38.27
C LYS H 45 -1.16 13.48 39.65
N GLU H 46 -0.44 13.06 40.69
CA GLU H 46 -0.80 13.40 42.07
C GLU H 46 -0.59 14.88 42.35
N ASN H 47 0.12 15.56 41.47
CA ASN H 47 0.38 16.99 41.61
C ASN H 47 -0.35 17.74 40.49
N LEU H 48 0.31 17.88 39.35
CA LEU H 48 -0.31 18.57 38.21
C LEU H 48 -1.36 17.67 37.57
N SER H 49 -2.54 17.62 38.18
CA SER H 49 -3.64 16.78 37.70
C SER H 49 -4.28 17.24 36.39
N ASP H 50 -4.97 18.37 36.41
CA ASP H 50 -5.64 18.90 35.22
C ASP H 50 -4.64 19.38 34.18
N LEU H 51 -3.59 18.60 33.93
CA LEU H 51 -2.58 19.01 32.95
C LEU H 51 -1.72 17.83 32.50
N THR H 52 -1.82 16.73 33.22
CA THR H 52 -1.03 15.56 32.91
C THR H 52 -1.84 14.32 32.53
N PHE H 53 -1.36 13.61 31.53
CA PHE H 53 -1.99 12.37 31.04
C PHE H 53 -1.21 11.73 29.89
N LYS H 54 -1.53 10.47 29.60
CA LYS H 54 -0.85 9.75 28.53
C LYS H 54 -1.36 10.19 27.15
N GLN H 55 -0.57 9.91 26.11
CA GLN H 55 -0.97 10.32 24.77
C GLN H 55 -2.34 9.82 24.32
N TYR H 56 -2.60 8.53 24.49
CA TYR H 56 -3.89 7.99 24.07
C TYR H 56 -4.98 8.65 24.91
N GLU H 57 -4.68 8.83 26.19
CA GLU H 57 -5.62 9.45 27.13
C GLU H 57 -6.05 10.82 26.60
N TYR H 58 -5.11 11.56 26.01
CA TYR H 58 -5.41 12.87 25.47
C TYR H 58 -6.30 12.79 24.23
N LEU H 59 -6.05 11.79 23.40
CA LEU H 59 -6.85 11.59 22.21
C LEU H 59 -8.28 11.23 22.64
N ASN H 60 -8.39 10.39 23.66
CA ASN H 60 -9.72 10.00 24.16
C ASN H 60 -10.52 11.21 24.65
N ASP H 61 -9.93 11.99 25.55
CA ASP H 61 -10.60 13.17 26.08
C ASP H 61 -10.97 14.13 24.95
N LEU H 62 -9.99 14.38 24.08
CA LEU H 62 -10.17 15.29 22.95
C LEU H 62 -11.41 14.97 22.10
N PHE H 63 -11.69 13.69 21.89
CA PHE H 63 -12.84 13.30 21.09
C PHE H 63 -14.13 13.30 21.92
N MET H 64 -14.04 12.83 23.16
CA MET H 64 -15.19 12.81 24.07
C MET H 64 -15.68 14.24 24.29
N LYS H 65 -14.75 15.18 24.17
CA LYS H 65 -15.05 16.59 24.35
C LYS H 65 -15.91 17.09 23.16
N ASN H 66 -15.91 16.33 22.09
CA ASN H 66 -16.65 16.69 20.89
C ASN H 66 -17.46 15.51 20.34
N PRO H 67 -18.41 14.99 21.14
CA PRO H 67 -19.24 13.85 20.73
C PRO H 67 -19.96 14.06 19.41
N ALA H 68 -20.43 15.28 19.17
CA ALA H 68 -21.17 15.60 17.95
C ALA H 68 -20.39 15.44 16.66
N ILE H 69 -19.12 15.05 16.75
CA ILE H 69 -18.34 14.90 15.52
C ILE H 69 -17.78 13.48 15.33
N ILE H 70 -18.12 12.90 14.19
CA ILE H 70 -17.70 11.54 13.85
C ILE H 70 -17.02 11.57 12.47
N GLY H 71 -16.23 10.55 12.17
CA GLY H 71 -15.52 10.49 10.90
C GLY H 71 -14.09 10.94 11.12
N HIS H 72 -13.14 10.35 10.41
CA HIS H 72 -11.74 10.73 10.62
C HIS H 72 -11.43 12.17 10.22
N GLU H 73 -11.87 12.58 9.02
CA GLU H 73 -11.62 13.93 8.52
C GLU H 73 -12.06 15.02 9.49
N ALA H 74 -13.28 14.91 9.98
CA ALA H 74 -13.83 15.91 10.90
C ALA H 74 -13.13 15.90 12.26
N ARG H 75 -12.77 14.70 12.73
CA ARG H 75 -12.11 14.56 14.02
C ARG H 75 -10.70 15.10 13.97
N TYR H 76 -10.09 15.04 12.80
CA TYR H 76 -8.73 15.54 12.68
C TYR H 76 -8.68 17.03 12.91
N LYS H 77 -9.73 17.73 12.52
CA LYS H 77 -9.77 19.16 12.70
C LYS H 77 -9.85 19.54 14.18
N LEU H 78 -10.05 18.54 15.04
CA LEU H 78 -10.09 18.83 16.47
C LEU H 78 -8.67 19.16 16.89
N PHE H 79 -7.73 18.81 16.02
CA PHE H 79 -6.32 19.12 16.25
C PHE H 79 -6.17 20.46 15.51
N ASN H 80 -6.21 21.56 16.25
CA ASN H 80 -6.08 22.88 15.62
C ASN H 80 -4.62 23.16 15.35
N SER H 81 -3.96 22.20 14.71
CA SER H 81 -2.55 22.30 14.38
C SER H 81 -2.13 21.16 13.47
N PRO H 82 -2.00 21.43 12.15
CA PRO H 82 -1.60 20.39 11.20
C PRO H 82 -0.33 19.68 11.65
N THR H 83 0.43 20.33 12.52
CA THR H 83 1.67 19.77 13.00
C THR H 83 1.42 18.88 14.23
N LEU H 84 0.51 19.31 15.10
CA LEU H 84 0.18 18.53 16.27
C LEU H 84 -0.57 17.27 15.85
N LEU H 85 -1.22 17.32 14.69
CA LEU H 85 -1.95 16.17 14.18
C LEU H 85 -0.90 15.12 13.83
N PHE H 86 0.07 15.54 13.04
CA PHE H 86 1.15 14.66 12.62
C PHE H 86 1.83 13.94 13.79
N LEU H 87 2.04 14.67 14.88
CA LEU H 87 2.73 14.13 16.06
C LEU H 87 1.91 13.33 17.06
N LEU H 88 0.62 13.64 17.18
CA LEU H 88 -0.22 12.94 18.13
C LEU H 88 -1.37 12.14 17.54
N SER H 89 -1.69 12.36 16.27
CA SER H 89 -2.80 11.68 15.59
C SER H 89 -2.72 10.15 15.63
N ARG H 90 -3.76 9.48 15.13
CA ARG H 90 -3.80 8.02 15.13
C ARG H 90 -3.99 7.29 13.82
N GLY H 91 -4.52 7.93 12.79
CA GLY H 91 -4.70 7.20 11.55
C GLY H 91 -6.15 6.99 11.17
N LYS H 92 -6.44 7.12 9.87
CA LYS H 92 -7.79 7.00 9.34
C LYS H 92 -8.70 5.95 9.99
N ALA H 93 -8.46 4.68 9.71
CA ALA H 93 -9.29 3.63 10.29
C ALA H 93 -9.48 3.79 11.80
N ALA H 94 -8.37 3.77 12.53
CA ALA H 94 -8.42 3.89 13.97
C ALA H 94 -9.26 5.11 14.40
N THR H 95 -8.95 6.27 13.83
CA THR H 95 -9.66 7.50 14.16
C THR H 95 -11.13 7.47 13.78
N GLU H 96 -11.45 6.72 12.73
CA GLU H 96 -12.83 6.61 12.26
C GLU H 96 -13.66 5.74 13.20
N ASN H 97 -13.11 4.60 13.56
CA ASN H 97 -13.79 3.63 14.42
C ASN H 97 -13.78 3.89 15.90
N TRP H 98 -13.29 5.04 16.30
CA TRP H 98 -13.25 5.39 17.70
C TRP H 98 -14.66 5.76 18.15
N SER H 99 -15.01 5.45 19.41
CA SER H 99 -16.31 5.80 20.00
C SER H 99 -16.11 5.76 21.51
N ILE H 100 -16.97 6.43 22.27
CA ILE H 100 -16.81 6.45 23.72
C ILE H 100 -16.79 5.05 24.33
N GLU H 101 -17.23 4.06 23.55
CA GLU H 101 -17.24 2.67 24.01
C GLU H 101 -16.18 1.88 23.27
N ASN H 102 -15.34 2.61 22.53
CA ASN H 102 -14.24 2.01 21.78
C ASN H 102 -13.07 2.99 21.81
N LEU H 103 -12.53 3.19 23.01
CA LEU H 103 -11.44 4.11 23.23
C LEU H 103 -10.08 3.60 22.78
N PHE H 104 -9.14 4.54 22.65
CA PHE H 104 -7.79 4.23 22.25
C PHE H 104 -6.99 3.66 23.43
N GLU H 105 -5.93 2.93 23.12
CA GLU H 105 -5.07 2.38 24.15
C GLU H 105 -3.65 2.69 23.72
N GLU H 106 -2.65 2.39 24.55
CA GLU H 106 -1.27 2.68 24.18
C GLU H 106 -0.90 1.90 22.93
N LYS H 107 -0.28 2.59 21.98
CA LYS H 107 0.19 1.99 20.74
C LYS H 107 1.72 2.15 20.79
N GLN H 108 2.44 1.04 20.60
CA GLN H 108 3.90 1.03 20.66
C GLN H 108 4.47 2.28 20.00
N ASN H 109 3.92 2.57 18.83
CA ASN H 109 4.26 3.68 17.95
C ASN H 109 4.21 5.12 18.52
N ASP H 110 3.35 5.36 19.51
CA ASP H 110 3.16 6.69 20.08
C ASP H 110 4.41 7.54 20.38
N THR H 111 4.43 8.75 19.85
CA THR H 111 5.55 9.67 20.04
C THR H 111 5.85 10.00 21.50
N ALA H 112 4.89 10.60 22.19
CA ALA H 112 5.12 10.95 23.59
C ALA H 112 4.72 9.81 24.50
N ASP H 113 5.13 9.90 25.75
CA ASP H 113 4.81 8.89 26.75
C ASP H 113 3.82 9.57 27.69
N ILE H 114 4.07 10.86 27.93
CA ILE H 114 3.23 11.67 28.78
C ILE H 114 3.05 13.03 28.12
N LEU H 115 1.80 13.40 27.90
CA LEU H 115 1.51 14.68 27.27
C LEU H 115 1.14 15.64 28.37
N LEU H 116 1.53 16.90 28.20
CA LEU H 116 1.26 17.94 29.17
C LEU H 116 0.74 19.17 28.46
N VAL H 117 -0.51 19.55 28.75
CA VAL H 117 -1.09 20.72 28.11
C VAL H 117 -1.79 21.64 29.10
N LYS H 118 -1.56 22.94 28.92
CA LYS H 118 -2.16 23.96 29.77
C LYS H 118 -2.83 24.98 28.86
N ASP H 119 -3.75 24.50 28.03
CA ASP H 119 -4.46 25.34 27.09
C ASP H 119 -3.51 25.91 26.04
N GLN H 120 -3.73 25.51 24.79
CA GLN H 120 -2.93 25.98 23.66
C GLN H 120 -1.48 25.47 23.55
N PHE H 121 -0.69 25.59 24.61
CA PHE H 121 0.69 25.13 24.56
C PHE H 121 0.86 23.68 25.00
N TYR H 122 1.70 22.93 24.29
CA TYR H 122 1.92 21.53 24.61
C TYR H 122 3.33 21.15 25.03
N GLU H 123 3.42 20.18 25.94
CA GLU H 123 4.68 19.69 26.49
C GLU H 123 4.74 18.15 26.38
N LEU H 124 5.29 17.65 25.27
CA LEU H 124 5.40 16.21 25.04
C LEU H 124 6.57 15.58 25.81
N LEU H 125 6.33 15.21 27.07
CA LEU H 125 7.36 14.62 27.89
C LEU H 125 7.66 13.18 27.54
N ASP H 126 8.92 12.89 27.24
CA ASP H 126 9.35 11.54 26.89
C ASP H 126 10.31 11.07 28.00
N VAL H 127 10.00 9.95 28.63
CA VAL H 127 10.81 9.41 29.72
C VAL H 127 11.76 8.31 29.30
N LYS H 128 13.07 8.59 29.36
CA LYS H 128 14.10 7.61 29.01
C LYS H 128 14.72 6.97 30.25
N THR H 129 14.81 5.64 30.26
CA THR H 129 15.40 4.91 31.39
C THR H 129 16.71 4.25 31.00
N ARG H 130 17.76 4.57 31.74
CA ARG H 130 19.10 4.04 31.48
C ARG H 130 19.59 3.07 32.54
N ASN H 131 20.28 2.03 32.10
CA ASN H 131 20.85 1.04 33.02
C ASN H 131 22.25 1.52 33.35
N ILE H 132 22.34 2.40 34.34
CA ILE H 132 23.62 2.97 34.74
C ILE H 132 24.60 1.94 35.30
N SER H 133 24.08 0.77 35.66
CA SER H 133 24.92 -0.30 36.19
C SER H 133 25.80 -0.87 35.09
N LYS H 134 26.27 0.00 34.21
CA LYS H 134 27.14 -0.36 33.10
C LYS H 134 27.42 0.91 32.30
N SER H 135 27.73 0.75 31.01
CA SER H 135 28.00 1.89 30.15
C SER H 135 27.68 1.54 28.70
N ALA H 136 26.50 1.93 28.25
CA ALA H 136 26.06 1.63 26.88
C ALA H 136 25.93 2.85 25.96
N GLN H 137 25.59 2.57 24.71
CA GLN H 137 25.42 3.59 23.68
C GLN H 137 24.21 4.48 23.94
N ALA H 138 24.18 5.65 23.31
CA ALA H 138 23.05 6.56 23.46
C ALA H 138 21.80 5.86 22.90
N PRO H 139 20.72 5.83 23.70
CA PRO H 139 19.48 5.17 23.28
C PRO H 139 18.69 5.99 22.24
N ASN H 140 17.66 5.36 21.68
CA ASN H 140 16.82 6.05 20.71
C ASN H 140 16.11 7.22 21.40
N ILE H 141 16.16 8.38 20.78
CA ILE H 141 15.50 9.55 21.33
C ILE H 141 14.19 9.73 20.59
N ILE H 142 14.28 10.03 19.30
CA ILE H 142 13.11 10.21 18.46
C ILE H 142 13.57 10.09 17.02
N SER H 143 12.64 9.85 16.10
CA SER H 143 13.01 9.68 14.70
C SER H 143 13.42 10.98 14.02
N ALA H 144 14.57 10.94 13.36
CA ALA H 144 15.06 12.10 12.63
C ALA H 144 14.06 12.48 11.55
N TYR H 145 13.50 11.46 10.90
CA TYR H 145 12.52 11.68 9.85
C TYR H 145 11.24 12.27 10.42
N LYS H 146 10.86 11.84 11.62
CA LYS H 146 9.66 12.38 12.24
C LYS H 146 9.93 13.78 12.78
N LEU H 147 11.21 14.11 12.93
CA LEU H 147 11.60 15.42 13.43
C LEU H 147 11.72 16.33 12.23
N ALA H 148 12.25 15.80 11.13
CA ALA H 148 12.40 16.56 9.91
C ALA H 148 11.04 17.07 9.48
N GLN H 149 10.10 16.14 9.28
CA GLN H 149 8.74 16.45 8.87
C GLN H 149 8.12 17.47 9.81
N THR H 150 8.26 17.24 11.11
CA THR H 150 7.69 18.15 12.10
C THR H 150 8.20 19.54 11.82
N CYS H 151 9.51 19.67 11.71
CA CYS H 151 10.14 20.95 11.43
C CYS H 151 9.57 21.56 10.16
N ALA H 152 9.39 20.72 9.15
CA ALA H 152 8.85 21.16 7.88
C ALA H 152 7.45 21.73 8.08
N LYS H 153 6.67 21.07 8.92
CA LYS H 153 5.30 21.50 9.18
C LYS H 153 5.21 22.72 10.08
N MET H 154 6.28 22.99 10.84
CA MET H 154 6.29 24.14 11.70
C MET H 154 6.53 25.39 10.87
N ILE H 155 7.23 25.22 9.76
CA ILE H 155 7.54 26.33 8.87
C ILE H 155 6.44 26.52 7.84
N ASP H 156 5.98 25.41 7.27
CA ASP H 156 4.93 25.44 6.26
C ASP H 156 3.67 26.13 6.78
N ASN H 157 3.54 26.21 8.11
CA ASN H 157 2.37 26.82 8.73
C ASN H 157 2.77 27.85 9.78
N LYS H 158 4.08 28.01 9.96
CA LYS H 158 4.60 28.96 10.94
C LYS H 158 3.99 28.70 12.32
N GLU H 159 4.13 27.48 12.81
CA GLU H 159 3.60 27.10 14.11
C GLU H 159 4.73 26.87 15.11
N PHE H 160 5.39 27.95 15.49
CA PHE H 160 6.52 27.89 16.41
C PHE H 160 6.12 28.11 17.86
N ASP H 161 6.93 27.55 18.77
CA ASP H 161 6.67 27.64 20.20
C ASP H 161 5.19 27.42 20.49
N LEU H 162 4.68 26.29 19.99
CA LEU H 162 3.30 25.85 20.17
C LEU H 162 3.41 24.62 21.06
N PHE H 163 4.58 23.98 20.99
CA PHE H 163 4.85 22.78 21.76
C PHE H 163 6.36 22.55 21.93
N ASP H 164 6.73 21.92 23.03
CA ASP H 164 8.13 21.59 23.29
C ASP H 164 8.22 20.08 23.51
N ILE H 165 9.34 19.51 23.09
CA ILE H 165 9.57 18.08 23.25
C ILE H 165 10.75 17.93 24.21
N ASN H 166 10.45 17.53 25.45
CA ASN H 166 11.49 17.39 26.45
C ASN H 166 11.64 15.97 26.98
N TYR H 167 12.87 15.62 27.33
CA TYR H 167 13.17 14.29 27.82
C TYR H 167 13.62 14.19 29.27
N LEU H 168 13.20 13.12 29.93
CA LEU H 168 13.55 12.86 31.32
C LEU H 168 14.31 11.54 31.41
N GLU H 169 15.60 11.63 31.75
CA GLU H 169 16.44 10.45 31.87
C GLU H 169 16.41 9.88 33.28
N VAL H 170 16.07 8.60 33.39
CA VAL H 170 16.00 7.92 34.68
C VAL H 170 17.06 6.83 34.78
N ASP H 171 18.22 7.18 35.34
CA ASP H 171 19.30 6.23 35.52
C ASP H 171 19.03 5.30 36.70
N TRP H 172 19.05 3.99 36.46
CA TRP H 172 18.81 3.01 37.49
C TRP H 172 19.89 1.95 37.42
N GLU H 173 19.84 1.01 38.35
CA GLU H 173 20.80 -0.10 38.39
C GLU H 173 20.28 -1.14 39.35
N LEU H 174 20.61 -2.41 39.10
CA LEU H 174 20.15 -3.48 39.96
C LEU H 174 21.10 -3.80 41.10
N ASN H 175 20.58 -3.70 42.32
CA ASN H 175 21.36 -3.97 43.53
C ASN H 175 21.17 -5.44 43.87
N GLY H 176 20.01 -5.97 43.48
CA GLY H 176 19.69 -7.36 43.73
C GLY H 176 18.47 -7.80 42.93
N GLU H 177 17.28 -7.43 43.42
CA GLU H 177 16.03 -7.77 42.76
C GLU H 177 15.27 -6.52 42.33
N ASP H 178 15.41 -5.46 43.11
CA ASP H 178 14.74 -4.20 42.83
C ASP H 178 15.63 -3.23 42.07
N LEU H 179 15.05 -2.54 41.10
CA LEU H 179 15.78 -1.55 40.33
C LEU H 179 15.48 -0.23 41.01
N VAL H 180 16.51 0.49 41.46
CA VAL H 180 16.29 1.76 42.14
C VAL H 180 16.88 2.90 41.33
N CYS H 181 16.17 4.03 41.30
CA CYS H 181 16.64 5.19 40.57
C CYS H 181 17.84 5.84 41.27
N VAL H 182 18.97 5.89 40.58
CA VAL H 182 20.17 6.50 41.14
C VAL H 182 20.10 8.00 40.96
N SER H 183 20.19 8.44 39.71
CA SER H 183 20.12 9.85 39.39
C SER H 183 19.10 10.05 38.26
N THR H 184 18.96 11.29 37.82
CA THR H 184 18.03 11.59 36.74
C THR H 184 18.63 12.68 35.86
N SER H 185 17.83 13.21 34.94
CA SER H 185 18.28 14.26 34.04
C SER H 185 17.07 14.91 33.38
N PHE H 186 17.28 16.06 32.74
CA PHE H 186 16.20 16.77 32.06
C PHE H 186 16.77 17.66 30.95
N ALA H 187 16.06 17.72 29.82
CA ALA H 187 16.54 18.53 28.71
C ALA H 187 15.41 18.93 27.78
N GLU H 188 15.67 19.90 26.93
CA GLU H 188 14.67 20.38 25.97
C GLU H 188 15.24 20.28 24.56
N LEU H 189 14.69 19.39 23.76
CA LEU H 189 15.15 19.19 22.39
C LEU H 189 15.33 20.50 21.63
N PHE H 190 14.39 21.42 21.79
CA PHE H 190 14.46 22.69 21.08
C PHE H 190 15.39 23.69 21.76
N LYS H 191 16.04 23.24 22.83
CA LYS H 191 16.97 24.05 23.60
C LYS H 191 18.33 23.39 23.50
N SER H 192 18.69 22.98 22.29
CA SER H 192 19.96 22.33 22.01
C SER H 192 20.33 22.55 20.55
N GLU H 193 21.59 22.31 20.22
CA GLU H 193 22.06 22.50 18.84
C GLU H 193 21.60 21.40 17.91
N PRO H 194 20.85 21.76 16.85
CA PRO H 194 20.33 20.82 15.86
C PRO H 194 21.39 20.09 15.05
N SER H 195 22.46 20.80 14.71
CA SER H 195 23.54 20.22 13.92
C SER H 195 24.50 19.37 14.75
N GLU H 196 24.29 19.35 16.06
CA GLU H 196 25.14 18.57 16.96
C GLU H 196 24.31 17.43 17.56
N LEU H 197 23.30 17.00 16.82
CA LEU H 197 22.43 15.93 17.29
C LEU H 197 22.82 14.54 16.80
N TYR H 198 23.36 14.47 15.59
CA TYR H 198 23.77 13.18 15.01
C TYR H 198 22.51 12.41 14.64
N ILE H 199 22.64 11.47 13.72
CA ILE H 199 21.51 10.67 13.28
C ILE H 199 21.99 9.28 12.95
N ASN H 200 21.53 8.30 13.71
CA ASN H 200 21.91 6.93 13.48
C ASN H 200 20.94 6.29 12.49
N TRP H 201 21.08 6.65 11.22
CA TRP H 201 20.22 6.14 10.16
C TRP H 201 19.89 4.65 10.23
N ALA H 202 20.86 3.82 10.61
CA ALA H 202 20.63 2.37 10.70
C ALA H 202 19.59 2.04 11.76
N ALA H 203 19.68 2.72 12.89
CA ALA H 203 18.74 2.48 13.98
C ALA H 203 17.48 3.32 13.80
N ALA H 204 16.67 2.93 12.82
CA ALA H 204 15.41 3.61 12.53
C ALA H 204 15.54 5.11 12.38
N MET H 205 16.69 5.56 11.86
CA MET H 205 16.95 6.98 11.65
C MET H 205 16.59 7.76 12.91
N GLN H 206 17.14 7.31 14.03
CA GLN H 206 16.90 7.92 15.32
C GLN H 206 17.99 8.90 15.75
N ILE H 207 17.59 9.95 16.46
CA ILE H 207 18.59 10.87 16.97
C ILE H 207 18.90 10.20 18.29
N GLN H 208 20.19 10.02 18.57
CA GLN H 208 20.59 9.37 19.79
C GLN H 208 21.36 10.35 20.67
N PHE H 209 21.23 10.18 21.98
CA PHE H 209 21.93 11.00 22.96
C PHE H 209 21.40 10.69 24.34
N HIS H 210 22.28 10.75 25.33
CA HIS H 210 21.84 10.52 26.69
C HIS H 210 21.34 11.91 27.07
N VAL H 211 20.27 11.98 27.85
CA VAL H 211 19.74 13.28 28.24
C VAL H 211 20.80 14.01 29.06
N ARG H 212 21.53 13.25 29.87
CA ARG H 212 22.58 13.80 30.72
C ARG H 212 23.62 14.64 29.95
N ASP H 213 23.99 14.20 28.76
CA ASP H 213 24.98 14.91 27.94
C ASP H 213 24.34 15.76 26.86
N LEU H 214 23.19 16.36 27.14
CA LEU H 214 22.54 17.20 26.14
C LEU H 214 22.77 18.70 26.37
N ASP H 215 23.26 19.35 25.32
CA ASP H 215 23.56 20.78 25.35
C ASP H 215 22.32 21.68 25.50
N GLN H 216 22.13 22.22 26.69
CA GLN H 216 21.00 23.10 26.96
C GLN H 216 21.41 24.54 26.67
N GLY H 217 21.94 24.77 25.48
CA GLY H 217 22.37 26.10 25.10
C GLY H 217 22.24 26.39 23.61
N PHE H 218 21.17 27.09 23.25
CA PHE H 218 20.91 27.47 21.86
C PHE H 218 20.40 28.91 21.80
N ASN H 219 21.05 29.75 21.01
CA ASN H 219 20.64 31.15 20.90
C ASN H 219 20.03 31.38 19.52
N GLY H 220 18.70 31.45 19.48
CA GLY H 220 18.00 31.67 18.23
C GLY H 220 16.52 31.41 18.38
N THR H 221 15.75 31.68 17.33
CA THR H 221 14.31 31.48 17.38
C THR H 221 13.93 30.05 17.04
N ARG H 222 12.70 29.68 17.34
CA ARG H 222 12.23 28.33 17.07
C ARG H 222 12.17 28.11 15.56
N GLU H 223 12.02 29.19 14.81
CA GLU H 223 11.96 29.08 13.36
C GLU H 223 13.34 28.72 12.80
N GLU H 224 14.38 29.20 13.49
CA GLU H 224 15.76 28.94 13.08
C GLU H 224 16.18 27.51 13.44
N TRP H 225 15.79 27.07 14.62
CA TRP H 225 16.11 25.72 15.08
C TRP H 225 15.71 24.74 13.99
N ALA H 226 14.44 24.77 13.62
CA ALA H 226 13.90 23.91 12.58
C ALA H 226 14.72 23.97 11.30
N LYS H 227 14.77 25.16 10.70
CA LYS H 227 15.51 25.35 9.45
C LYS H 227 16.97 24.92 9.57
N SER H 228 17.51 25.02 10.79
CA SER H 228 18.88 24.60 11.02
C SER H 228 18.95 23.08 11.00
N TYR H 229 18.04 22.43 11.73
CA TYR H 229 18.00 20.98 11.79
C TYR H 229 17.85 20.40 10.39
N LEU H 230 16.87 20.92 9.64
CA LEU H 230 16.65 20.44 8.29
C LEU H 230 17.97 20.45 7.53
N LYS H 231 18.71 21.54 7.66
CA LYS H 231 19.99 21.66 6.99
C LYS H 231 20.85 20.45 7.35
N HIS H 232 21.00 20.22 8.65
CA HIS H 232 21.79 19.10 9.16
C HIS H 232 21.28 17.77 8.63
N PHE H 233 19.96 17.59 8.71
CA PHE H 233 19.28 16.37 8.28
C PHE H 233 19.52 16.05 6.80
N VAL H 234 19.25 17.02 5.93
CA VAL H 234 19.44 16.81 4.49
C VAL H 234 20.92 16.57 4.19
N THR H 235 21.78 17.06 5.07
CA THR H 235 23.22 16.88 4.91
C THR H 235 23.57 15.43 5.16
N GLN H 236 23.36 15.00 6.39
CA GLN H 236 23.65 13.62 6.79
C GLN H 236 22.97 12.66 5.82
N ALA H 237 21.87 13.11 5.24
CA ALA H 237 21.12 12.30 4.28
C ALA H 237 21.99 11.98 3.08
N GLU H 238 22.64 13.00 2.53
CA GLU H 238 23.49 12.83 1.36
C GLU H 238 24.74 12.04 1.75
N GLN H 239 25.30 12.34 2.92
CA GLN H 239 26.50 11.66 3.39
C GLN H 239 26.22 10.18 3.67
N ARG H 240 25.13 9.90 4.36
CA ARG H 240 24.76 8.52 4.67
C ARG H 240 24.46 7.74 3.39
N ALA H 241 23.82 8.40 2.42
CA ALA H 241 23.49 7.76 1.17
C ALA H 241 24.76 7.25 0.49
N ILE H 242 25.66 8.17 0.18
CA ILE H 242 26.92 7.81 -0.47
C ILE H 242 27.82 6.96 0.42
N SER H 243 27.51 6.91 1.71
CA SER H 243 28.32 6.12 2.64
C SER H 243 27.93 4.65 2.57
N MET H 244 26.69 4.37 2.18
CA MET H 244 26.19 3.01 2.09
C MET H 244 26.92 2.19 1.04
N ILE H 245 27.14 2.77 -0.13
CA ILE H 245 27.82 2.08 -1.22
C ILE H 245 29.30 1.86 -0.91
N ASP H 246 29.74 2.29 0.27
CA ASP H 246 31.14 2.13 0.66
C ASP H 246 31.35 1.14 1.79
N LYS H 247 30.46 1.15 2.77
CA LYS H 247 30.58 0.25 3.92
C LYS H 247 29.77 -1.03 3.79
N PHE H 248 28.79 -1.04 2.90
CA PHE H 248 27.93 -2.20 2.72
C PHE H 248 28.07 -2.86 1.35
N VAL H 249 28.33 -2.05 0.32
CA VAL H 249 28.46 -2.56 -1.03
C VAL H 249 29.89 -2.95 -1.40
N LYS H 250 30.80 -2.00 -1.28
CA LYS H 250 32.21 -2.20 -1.62
C LYS H 250 32.86 -3.52 -1.18
N PRO H 251 32.84 -3.84 0.12
CA PRO H 251 33.45 -5.08 0.61
C PRO H 251 33.01 -6.32 -0.19
N PHE H 252 31.85 -6.22 -0.80
CA PHE H 252 31.30 -7.32 -1.58
C PHE H 252 31.25 -6.97 -3.07
N LYS H 253 31.44 -5.69 -3.38
CA LYS H 253 31.40 -5.22 -4.76
C LYS H 253 32.50 -5.83 -5.63
N LYS H 254 33.24 -6.78 -5.05
CA LYS H 254 34.30 -7.47 -5.76
C LYS H 254 33.90 -8.94 -5.91
N TYR H 255 32.59 -9.18 -5.88
CA TYR H 255 32.03 -10.52 -6.01
C TYR H 255 31.10 -10.63 -7.23
N ILE H 256 31.01 -9.54 -7.99
CA ILE H 256 30.18 -9.48 -9.20
C ILE H 256 28.69 -9.66 -8.89
NA NA I . -17.74 -9.49 -20.69
#